data_2EAA
#
_entry.id   2EAA
#
_cell.length_a   66.873
_cell.length_b   99.320
_cell.length_c   216.868
_cell.angle_alpha   90.00
_cell.angle_beta   90.00
_cell.angle_gamma   90.00
#
_symmetry.space_group_name_H-M   'P 21 21 21'
#
loop_
_entity.id
_entity.type
_entity.pdbx_description
1 polymer '7S globulin-3'
2 non-polymer 'CALCIUM ION'
3 non-polymer 'CITRIC ACID'
4 non-polymer 'ACETIC ACID'
5 water water
#
_entity_poly.entity_id   1
_entity_poly.type   'polypeptide(L)'
_entity_poly.pdbx_seq_one_letter_code
;IVHREHQESQEESDSRGENNPFYFSSDRRFHTLFTNQYGHLRILHRFDQRSKQIQNLENYRVVEFKSKPNTLLLPHHADA
DFLLVVLNGRAILTLVNPDSRDSYILEQGHAQKIPAGTTFFLVNPDDNENLRIIKLAIPVNNPHRFQDFFLSSTEAQQSY
LRGFSKNILEASFDSDFKEINRVLFGEERQQQQGEESREEGVIVELKREQIQELMKHAKSSSRKELSSQDEPFNLRNSKP
IYSNKFGRWYEMTPEKNPQLKDLDVFISSVDMKEGALLLPHYNSKAIVIMVINEGEAKIELVGLSDQQQQKQQEESLEVQ
RYRAELSEDDVFVIPAAYPVAINATSNLNFFAFGINAENNQRNFLAGGKDNVMSEIPTEVLEVSFPASGKKVEKLIKKQS
ESHFVDAQPEQQQREEGHKGRKGSLSSILGSLY
;
_entity_poly.pdbx_strand_id   A,B,C
#
loop_
_chem_comp.id
_chem_comp.type
_chem_comp.name
_chem_comp.formula
ACY non-polymer 'ACETIC ACID' 'C2 H4 O2'
CA non-polymer 'CALCIUM ION' 'Ca 2'
CIT non-polymer 'CITRIC ACID' 'C6 H8 O7'
#
# COMPACT_ATOMS: atom_id res chain seq x y z
N ASP A 14 -12.62 19.65 -26.00
CA ASP A 14 -11.35 19.02 -26.46
C ASP A 14 -10.15 19.72 -25.80
N SER A 15 -9.36 18.95 -25.05
CA SER A 15 -8.18 19.48 -24.36
C SER A 15 -6.91 19.23 -25.15
N ARG A 16 -6.29 20.29 -25.64
CA ARG A 16 -5.07 20.14 -26.42
C ARG A 16 -3.96 21.04 -25.91
N GLY A 17 -2.73 20.70 -26.29
CA GLY A 17 -1.59 21.50 -25.88
C GLY A 17 -1.44 21.65 -24.38
N GLU A 18 -1.14 22.89 -23.97
CA GLU A 18 -0.94 23.19 -22.56
C GLU A 18 -2.22 23.11 -21.75
N ASN A 19 -3.34 22.92 -22.43
CA ASN A 19 -4.61 22.79 -21.72
C ASN A 19 -4.94 21.33 -21.49
N ASN A 20 -4.09 20.45 -22.01
CA ASN A 20 -4.26 19.02 -21.86
C ASN A 20 -3.58 18.64 -20.52
N PRO A 21 -4.38 18.25 -19.52
CA PRO A 21 -3.80 17.89 -18.21
C PRO A 21 -2.88 16.67 -18.18
N PHE A 22 -2.83 15.91 -19.26
CA PHE A 22 -1.97 14.73 -19.34
C PHE A 22 -0.65 15.05 -20.01
N TYR A 23 -0.56 16.27 -20.52
CA TYR A 23 0.64 16.76 -21.22
C TYR A 23 1.52 17.58 -20.27
N PHE A 24 2.74 17.11 -20.04
CA PHE A 24 3.69 17.78 -19.16
C PHE A 24 4.90 18.17 -20.02
N SER A 25 4.84 19.35 -20.61
CA SER A 25 5.89 19.81 -21.50
C SER A 25 7.21 20.24 -20.85
N SER A 26 8.29 20.00 -21.59
CA SER A 26 9.62 20.38 -21.17
C SER A 26 9.64 21.90 -21.11
N ASP A 27 8.79 22.52 -21.93
CA ASP A 27 8.73 23.97 -22.00
C ASP A 27 8.21 24.68 -20.75
N ARG A 28 7.25 24.10 -20.04
CA ARG A 28 6.75 24.79 -18.85
C ARG A 28 6.25 23.96 -17.67
N ARG A 29 6.43 22.65 -17.70
CA ARG A 29 5.94 21.84 -16.57
C ARG A 29 7.06 21.23 -15.72
N PHE A 30 8.25 21.83 -15.79
CA PHE A 30 9.38 21.36 -15.02
C PHE A 30 9.87 22.47 -14.11
N HIS A 31 10.53 22.08 -13.03
CA HIS A 31 11.10 23.05 -12.11
C HIS A 31 12.57 22.67 -12.01
N THR A 32 13.44 23.67 -12.16
CA THR A 32 14.88 23.43 -12.12
C THR A 32 15.36 23.37 -10.67
N LEU A 33 15.95 22.24 -10.29
CA LEU A 33 16.45 22.05 -8.93
C LEU A 33 17.84 22.68 -8.85
N PHE A 34 18.63 22.46 -9.90
CA PHE A 34 19.98 23.01 -9.97
C PHE A 34 20.42 23.15 -11.42
N THR A 35 21.12 24.24 -11.71
CA THR A 35 21.61 24.46 -13.05
C THR A 35 22.86 25.32 -13.06
N ASN A 36 23.86 24.88 -13.81
CA ASN A 36 25.10 25.61 -13.94
C ASN A 36 25.62 25.36 -15.36
N GLN A 37 26.76 25.93 -15.69
CA GLN A 37 27.33 25.80 -17.03
C GLN A 37 27.56 24.37 -17.50
N TYR A 38 27.64 23.42 -16.57
CA TYR A 38 27.92 22.04 -16.98
C TYR A 38 26.74 21.10 -16.98
N GLY A 39 25.56 21.60 -16.66
CA GLY A 39 24.40 20.73 -16.66
C GLY A 39 23.29 21.22 -15.74
N HIS A 40 22.24 20.42 -15.61
CA HIS A 40 21.13 20.79 -14.76
C HIS A 40 20.27 19.59 -14.37
N LEU A 41 19.42 19.81 -13.38
CA LEU A 41 18.52 18.79 -12.86
C LEU A 41 17.16 19.44 -12.74
N ARG A 42 16.16 18.82 -13.36
CA ARG A 42 14.81 19.35 -13.30
C ARG A 42 13.85 18.27 -12.83
N ILE A 43 12.81 18.71 -12.13
CA ILE A 43 11.82 17.77 -11.64
C ILE A 43 10.45 18.18 -12.18
N LEU A 44 9.72 17.21 -12.68
CA LEU A 44 8.41 17.46 -13.25
C LEU A 44 7.39 17.87 -12.20
N HIS A 45 6.48 18.75 -12.57
CA HIS A 45 5.42 19.19 -11.66
C HIS A 45 4.65 17.92 -11.27
N ARG A 46 4.12 17.91 -10.05
CA ARG A 46 3.39 16.77 -9.52
C ARG A 46 2.19 16.40 -10.38
N PHE A 47 2.13 15.14 -10.77
CA PHE A 47 1.05 14.62 -11.60
C PHE A 47 -0.32 14.93 -11.04
N ASP A 48 -0.53 14.58 -9.77
CA ASP A 48 -1.81 14.78 -9.12
C ASP A 48 -2.20 16.25 -8.97
N GLN A 49 -1.23 17.15 -9.10
CA GLN A 49 -1.55 18.56 -8.98
C GLN A 49 -2.04 19.11 -10.31
N ARG A 50 -1.75 18.38 -11.39
CA ARG A 50 -2.19 18.82 -12.70
C ARG A 50 -3.50 18.10 -13.06
N SER A 51 -3.66 16.87 -12.57
CA SER A 51 -4.89 16.13 -12.86
C SER A 51 -5.23 15.04 -11.87
N LYS A 52 -6.48 15.07 -11.41
CA LYS A 52 -6.98 14.08 -10.48
C LYS A 52 -7.24 12.73 -11.16
N GLN A 53 -7.31 12.74 -12.49
CA GLN A 53 -7.54 11.50 -13.24
C GLN A 53 -6.37 10.53 -13.07
N ILE A 54 -5.22 11.07 -12.67
CA ILE A 54 -4.03 10.26 -12.44
C ILE A 54 -3.52 10.50 -11.01
N GLN A 55 -4.45 10.52 -10.06
CA GLN A 55 -4.13 10.72 -8.66
C GLN A 55 -3.18 9.65 -8.10
N ASN A 56 -3.30 8.41 -8.60
CA ASN A 56 -2.43 7.34 -8.10
C ASN A 56 -0.97 7.39 -8.53
N LEU A 57 -0.59 8.49 -9.17
CA LEU A 57 0.81 8.67 -9.55
C LEU A 57 1.41 9.67 -8.55
N GLU A 58 0.61 10.06 -7.55
CA GLU A 58 1.06 11.03 -6.56
C GLU A 58 2.32 10.62 -5.79
N ASN A 59 2.58 9.32 -5.70
CA ASN A 59 3.75 8.83 -4.99
C ASN A 59 4.97 8.68 -5.88
N TYR A 60 4.88 9.24 -7.09
CA TYR A 60 5.98 9.19 -8.05
C TYR A 60 6.39 10.60 -8.47
N ARG A 61 7.67 10.75 -8.77
CA ARG A 61 8.20 12.01 -9.25
C ARG A 61 9.11 11.65 -10.41
N VAL A 62 9.33 12.61 -11.29
CA VAL A 62 10.18 12.36 -12.45
C VAL A 62 11.23 13.45 -12.51
N VAL A 63 12.47 13.05 -12.68
CA VAL A 63 13.57 14.00 -12.74
C VAL A 63 14.31 13.87 -14.07
N GLU A 64 14.70 15.00 -14.64
CA GLU A 64 15.46 14.98 -15.89
C GLU A 64 16.85 15.53 -15.60
N PHE A 65 17.87 14.77 -16.00
CA PHE A 65 19.24 15.18 -15.79
C PHE A 65 19.99 15.29 -17.11
N LYS A 66 20.71 16.39 -17.27
CA LYS A 66 21.51 16.63 -18.46
C LYS A 66 22.88 17.19 -18.05
N SER A 67 23.94 16.54 -18.53
CA SER A 67 25.30 16.98 -18.26
C SER A 67 26.17 16.91 -19.52
N LYS A 68 27.05 17.89 -19.68
CA LYS A 68 27.92 17.91 -20.85
C LYS A 68 29.14 17.01 -20.67
N PRO A 69 29.97 16.88 -21.72
CA PRO A 69 31.17 16.04 -21.67
C PRO A 69 32.12 16.26 -20.50
N ASN A 70 32.71 15.16 -20.03
CA ASN A 70 33.68 15.20 -18.94
C ASN A 70 33.19 15.88 -17.66
N THR A 71 31.92 15.67 -17.32
CA THR A 71 31.37 16.25 -16.11
C THR A 71 31.09 15.20 -15.04
N LEU A 72 30.87 15.67 -13.82
CA LEU A 72 30.61 14.80 -12.68
C LEU A 72 29.57 15.43 -11.76
N LEU A 73 28.61 14.61 -11.33
CA LEU A 73 27.58 15.06 -10.40
C LEU A 73 28.12 14.59 -9.04
N LEU A 74 28.40 15.53 -8.15
CA LEU A 74 28.97 15.24 -6.84
C LEU A 74 28.18 14.22 -6.00
N PRO A 75 28.90 13.42 -5.18
CA PRO A 75 28.30 12.39 -4.31
C PRO A 75 27.16 12.91 -3.45
N HIS A 76 26.07 12.15 -3.45
CA HIS A 76 24.89 12.51 -2.69
C HIS A 76 23.94 11.33 -2.61
N HIS A 77 22.90 11.48 -1.79
CA HIS A 77 21.89 10.44 -1.65
C HIS A 77 20.55 11.14 -1.41
N ALA A 78 19.46 10.42 -1.64
CA ALA A 78 18.14 11.02 -1.46
C ALA A 78 17.21 10.03 -0.79
N ASP A 79 16.22 10.55 -0.07
CA ASP A 79 15.26 9.66 0.59
C ASP A 79 14.21 9.26 -0.43
N ALA A 80 14.69 8.72 -1.56
CA ALA A 80 13.81 8.28 -2.62
C ALA A 80 14.44 7.19 -3.47
N ASP A 81 13.63 6.20 -3.80
CA ASP A 81 14.04 5.09 -4.66
C ASP A 81 14.11 5.67 -6.08
N PHE A 82 15.18 5.35 -6.82
CA PHE A 82 15.31 5.85 -8.18
C PHE A 82 15.40 4.74 -9.20
N LEU A 83 14.85 4.98 -10.38
CA LEU A 83 14.95 4.05 -11.50
C LEU A 83 15.54 4.97 -12.55
N LEU A 84 16.86 4.92 -12.66
CA LEU A 84 17.59 5.77 -13.57
C LEU A 84 17.75 5.16 -14.96
N VAL A 85 17.36 5.93 -15.96
CA VAL A 85 17.43 5.50 -17.36
C VAL A 85 18.25 6.47 -18.19
N VAL A 86 19.15 5.93 -19.01
CA VAL A 86 19.99 6.75 -19.88
C VAL A 86 19.29 6.94 -21.22
N LEU A 87 18.74 8.12 -21.45
CA LEU A 87 18.03 8.43 -22.69
C LEU A 87 18.96 8.57 -23.88
N ASN A 88 20.02 9.35 -23.69
CA ASN A 88 21.00 9.57 -24.74
C ASN A 88 22.38 9.84 -24.13
N GLY A 89 23.38 9.13 -24.63
CA GLY A 89 24.72 9.34 -24.13
C GLY A 89 25.34 8.13 -23.47
N ARG A 90 26.36 8.38 -22.66
CA ARG A 90 27.09 7.33 -21.96
C ARG A 90 27.27 7.79 -20.52
N ALA A 91 27.50 6.86 -19.60
CA ALA A 91 27.68 7.27 -18.22
C ALA A 91 28.32 6.27 -17.28
N ILE A 92 28.97 6.79 -16.25
CA ILE A 92 29.56 5.93 -15.25
C ILE A 92 28.76 6.23 -13.99
N LEU A 93 28.04 5.23 -13.50
CA LEU A 93 27.25 5.37 -12.29
C LEU A 93 27.99 4.60 -11.20
N THR A 94 28.34 5.28 -10.11
CA THR A 94 29.02 4.58 -9.03
C THR A 94 28.17 4.63 -7.76
N LEU A 95 27.78 3.45 -7.30
CA LEU A 95 26.99 3.35 -6.07
C LEU A 95 27.99 3.15 -4.93
N VAL A 96 28.04 4.12 -4.04
CA VAL A 96 28.95 4.06 -2.90
C VAL A 96 28.24 3.50 -1.67
N ASN A 97 28.65 2.31 -1.25
CA ASN A 97 28.05 1.65 -0.09
C ASN A 97 28.87 1.88 1.18
N PRO A 98 28.36 1.41 2.33
CA PRO A 98 29.07 1.57 3.59
C PRO A 98 30.48 0.96 3.60
N ASP A 99 30.62 -0.25 3.06
CA ASP A 99 31.91 -0.93 3.05
C ASP A 99 32.41 -1.35 1.66
N SER A 100 32.00 -0.65 0.61
CA SER A 100 32.43 -0.97 -0.75
C SER A 100 31.78 -0.06 -1.77
N ARG A 101 32.13 -0.23 -3.04
CA ARG A 101 31.52 0.56 -4.09
C ARG A 101 31.47 -0.18 -5.42
N ASP A 102 30.46 0.15 -6.21
CA ASP A 102 30.27 -0.48 -7.51
C ASP A 102 30.07 0.55 -8.59
N SER A 103 30.89 0.48 -9.64
CA SER A 103 30.79 1.40 -10.76
C SER A 103 30.27 0.62 -11.95
N TYR A 104 29.36 1.24 -12.68
CA TYR A 104 28.76 0.59 -13.85
C TYR A 104 28.81 1.56 -15.02
N ILE A 105 29.12 1.02 -16.19
CA ILE A 105 29.15 1.80 -17.42
C ILE A 105 27.73 1.71 -17.95
N LEU A 106 27.11 2.86 -18.16
CA LEU A 106 25.75 2.89 -18.67
C LEU A 106 25.70 3.45 -20.09
N GLU A 107 25.19 2.65 -21.01
CA GLU A 107 25.05 3.02 -22.41
C GLU A 107 23.61 3.45 -22.64
N GLN A 108 23.38 4.13 -23.77
CA GLN A 108 22.03 4.57 -24.10
C GLN A 108 21.07 3.39 -23.99
N GLY A 109 20.01 3.56 -23.22
CA GLY A 109 19.05 2.50 -23.05
C GLY A 109 19.17 1.76 -21.74
N HIS A 110 20.31 1.92 -21.07
CA HIS A 110 20.53 1.23 -19.80
C HIS A 110 19.67 1.79 -18.67
N ALA A 111 19.25 0.89 -17.79
CA ALA A 111 18.44 1.26 -16.65
C ALA A 111 19.01 0.58 -15.41
N GLN A 112 18.95 1.28 -14.29
CA GLN A 112 19.44 0.73 -13.03
C GLN A 112 18.67 1.33 -11.87
N LYS A 113 18.24 0.49 -10.94
CA LYS A 113 17.51 0.95 -9.77
C LYS A 113 18.52 1.38 -8.70
N ILE A 114 18.28 2.54 -8.09
CA ILE A 114 19.15 3.02 -7.04
C ILE A 114 18.32 3.06 -5.76
N PRO A 115 18.48 2.06 -4.88
CA PRO A 115 17.71 2.02 -3.63
C PRO A 115 17.85 3.36 -2.93
N ALA A 116 16.80 3.78 -2.22
CA ALA A 116 16.83 5.05 -1.51
C ALA A 116 17.96 5.10 -0.49
N GLY A 117 18.54 6.28 -0.32
CA GLY A 117 19.62 6.44 0.64
C GLY A 117 20.98 5.95 0.18
N THR A 118 21.08 5.44 -1.05
CA THR A 118 22.35 4.97 -1.56
C THR A 118 23.17 6.17 -2.05
N THR A 119 24.36 6.36 -1.49
CA THR A 119 25.20 7.48 -1.94
C THR A 119 25.78 7.09 -3.30
N PHE A 120 25.69 8.00 -4.27
CA PHE A 120 26.25 7.72 -5.60
C PHE A 120 26.67 9.01 -6.28
N PHE A 121 27.51 8.87 -7.30
CA PHE A 121 27.95 10.02 -8.08
C PHE A 121 27.87 9.57 -9.53
N LEU A 122 27.73 10.53 -10.43
CA LEU A 122 27.55 10.22 -11.84
C LEU A 122 28.52 10.98 -12.74
N VAL A 123 29.14 10.26 -13.66
CA VAL A 123 30.09 10.86 -14.58
C VAL A 123 29.71 10.66 -16.05
N ASN A 124 29.90 11.71 -16.84
CA ASN A 124 29.67 11.66 -18.27
C ASN A 124 31.09 11.58 -18.85
N PRO A 125 31.55 10.35 -19.16
CA PRO A 125 32.88 10.09 -19.71
C PRO A 125 33.10 10.42 -21.20
N ASP A 126 32.04 10.86 -21.89
CA ASP A 126 32.18 11.17 -23.31
C ASP A 126 32.80 12.55 -23.55
N ASP A 127 33.57 12.66 -24.62
CA ASP A 127 34.26 13.88 -24.99
C ASP A 127 33.42 14.93 -25.70
N ASN A 128 32.35 14.47 -26.37
CA ASN A 128 31.50 15.39 -27.11
C ASN A 128 30.01 15.26 -26.80
N GLU A 129 29.55 14.02 -26.65
CA GLU A 129 28.15 13.76 -26.38
C GLU A 129 27.71 14.14 -24.97
N ASN A 130 26.50 14.66 -24.86
CA ASN A 130 25.93 15.04 -23.58
C ASN A 130 25.30 13.80 -22.96
N LEU A 131 25.03 13.86 -21.66
CA LEU A 131 24.40 12.75 -20.98
C LEU A 131 23.00 13.23 -20.63
N ARG A 132 22.00 12.51 -21.08
CA ARG A 132 20.61 12.85 -20.81
C ARG A 132 20.00 11.67 -20.08
N ILE A 133 19.47 11.95 -18.89
CA ILE A 133 18.87 10.91 -18.07
C ILE A 133 17.48 11.29 -17.57
N ILE A 134 16.65 10.27 -17.41
CA ILE A 134 15.33 10.50 -16.86
C ILE A 134 15.24 9.51 -15.70
N LYS A 135 14.78 10.01 -14.55
CA LYS A 135 14.68 9.18 -13.36
C LYS A 135 13.28 9.13 -12.78
N LEU A 136 12.84 7.92 -12.47
CA LEU A 136 11.54 7.72 -11.83
C LEU A 136 11.90 7.70 -10.35
N ALA A 137 11.28 8.58 -9.55
CA ALA A 137 11.58 8.62 -8.14
C ALA A 137 10.39 8.25 -7.26
N ILE A 138 10.64 7.48 -6.20
CA ILE A 138 9.59 7.08 -5.26
C ILE A 138 9.98 7.53 -3.86
N PRO A 139 9.50 8.71 -3.43
CA PRO A 139 9.80 9.27 -2.11
C PRO A 139 9.50 8.33 -0.93
N VAL A 140 10.38 8.38 0.08
CA VAL A 140 10.25 7.57 1.28
C VAL A 140 9.55 8.22 2.48
N ASN A 141 10.05 9.38 2.92
CA ASN A 141 9.49 10.06 4.09
C ASN A 141 8.17 10.75 3.85
N ASN A 142 8.08 11.48 2.74
CA ASN A 142 6.84 12.15 2.38
C ASN A 142 6.55 11.62 0.99
N PRO A 143 5.31 11.18 0.74
CA PRO A 143 4.91 10.62 -0.55
C PRO A 143 5.04 11.51 -1.79
N HIS A 144 5.00 12.81 -1.61
CA HIS A 144 5.04 13.76 -2.73
C HIS A 144 6.37 14.37 -3.14
N ARG A 145 7.39 14.25 -2.30
CA ARG A 145 8.68 14.84 -2.62
C ARG A 145 9.80 14.22 -1.81
N PHE A 146 11.02 14.43 -2.26
CA PHE A 146 12.18 13.88 -1.59
C PHE A 146 13.25 14.95 -1.40
N GLN A 147 14.22 14.64 -0.55
CA GLN A 147 15.31 15.55 -0.27
C GLN A 147 16.61 15.02 -0.84
N ASP A 148 17.38 15.89 -1.45
CA ASP A 148 18.68 15.53 -2.03
C ASP A 148 19.77 15.94 -1.05
N PHE A 149 20.46 14.97 -0.45
CA PHE A 149 21.53 15.27 0.50
C PHE A 149 22.91 15.16 -0.13
N PHE A 150 23.55 16.30 -0.37
CA PHE A 150 24.89 16.31 -0.96
C PHE A 150 25.96 16.34 0.12
N LEU A 151 26.85 15.36 0.06
CA LEU A 151 27.95 15.23 1.02
C LEU A 151 28.98 16.34 0.76
N SER A 152 29.19 16.64 -0.52
CA SER A 152 30.14 17.66 -0.95
C SER A 152 29.90 19.02 -0.35
N SER A 153 30.90 19.90 -0.49
CA SER A 153 30.81 21.26 0.01
C SER A 153 31.17 22.19 -1.17
N THR A 154 30.19 22.96 -1.61
CA THR A 154 30.40 23.88 -2.73
C THR A 154 29.78 25.24 -2.40
N GLU A 155 29.91 26.18 -3.34
CA GLU A 155 29.36 27.52 -3.13
C GLU A 155 27.84 27.54 -3.17
N ALA A 156 27.25 26.49 -3.75
CA ALA A 156 25.81 26.40 -3.84
C ALA A 156 25.19 25.63 -2.66
N GLN A 157 25.97 24.77 -2.02
CA GLN A 157 25.44 23.98 -0.92
C GLN A 157 26.46 23.53 0.14
N GLN A 158 26.05 23.56 1.39
CA GLN A 158 26.90 23.12 2.50
C GLN A 158 26.83 21.61 2.59
N SER A 159 27.92 20.98 2.99
CA SER A 159 27.93 19.53 3.16
C SER A 159 26.97 19.27 4.30
N TYR A 160 26.20 18.20 4.26
CA TYR A 160 25.25 17.95 5.34
C TYR A 160 25.98 17.68 6.66
N LEU A 161 27.30 17.49 6.57
CA LEU A 161 28.12 17.27 7.76
C LEU A 161 28.14 18.55 8.57
N ARG A 162 28.01 19.68 7.87
CA ARG A 162 28.01 20.99 8.48
C ARG A 162 26.85 21.13 9.48
N GLY A 163 25.95 20.14 9.47
CA GLY A 163 24.80 20.18 10.36
C GLY A 163 25.12 19.77 11.79
N PHE A 164 26.24 19.08 11.97
CA PHE A 164 26.64 18.64 13.30
C PHE A 164 27.46 19.72 14.00
N SER A 165 27.49 19.67 15.33
CA SER A 165 28.21 20.68 16.10
C SER A 165 29.71 20.46 16.13
N LYS A 166 30.42 21.52 16.50
CA LYS A 166 31.89 21.47 16.58
C LYS A 166 32.36 20.28 17.39
N ASN A 167 31.81 20.14 18.60
CA ASN A 167 32.20 19.04 19.48
C ASN A 167 31.97 17.67 18.85
N ILE A 168 30.79 17.47 18.26
CA ILE A 168 30.48 16.19 17.63
C ILE A 168 31.45 15.94 16.49
N LEU A 169 31.66 16.94 15.66
CA LEU A 169 32.57 16.82 14.53
C LEU A 169 33.99 16.50 14.98
N GLU A 170 34.47 17.21 15.99
CA GLU A 170 35.82 16.98 16.50
C GLU A 170 35.99 15.56 17.02
N ALA A 171 35.02 15.08 17.79
CA ALA A 171 35.08 13.73 18.33
C ALA A 171 34.93 12.69 17.20
N SER A 172 34.02 12.95 16.28
CA SER A 172 33.79 12.02 15.18
C SER A 172 35.03 11.80 14.33
N PHE A 173 35.66 12.90 13.89
CA PHE A 173 36.85 12.81 13.06
C PHE A 173 38.16 12.75 13.85
N ASP A 174 38.08 13.01 15.15
CA ASP A 174 39.25 12.99 16.02
C ASP A 174 40.29 13.99 15.54
N SER A 175 39.84 15.23 15.34
CA SER A 175 40.69 16.30 14.86
C SER A 175 40.10 17.61 15.36
N ASP A 176 40.93 18.64 15.44
CA ASP A 176 40.45 19.94 15.89
C ASP A 176 39.54 20.46 14.79
N PHE A 177 38.55 21.26 15.17
CA PHE A 177 37.61 21.81 14.21
C PHE A 177 38.30 22.52 13.05
N LYS A 178 39.24 23.38 13.38
CA LYS A 178 39.99 24.15 12.38
C LYS A 178 40.43 23.32 11.18
N GLU A 179 41.01 22.14 11.42
CA GLU A 179 41.43 21.29 10.33
C GLU A 179 40.19 20.76 9.59
N ILE A 180 39.18 20.38 10.37
CA ILE A 180 37.94 19.87 9.79
C ILE A 180 37.31 20.92 8.89
N ASN A 181 37.12 22.12 9.43
CA ASN A 181 36.53 23.24 8.71
C ASN A 181 37.33 23.64 7.47
N ARG A 182 38.60 23.28 7.44
CA ARG A 182 39.47 23.61 6.32
C ARG A 182 39.45 22.56 5.22
N VAL A 183 39.56 21.29 5.62
CA VAL A 183 39.58 20.19 4.66
C VAL A 183 38.22 19.82 4.06
N LEU A 184 37.14 20.03 4.80
CA LEU A 184 35.81 19.65 4.33
C LEU A 184 34.82 20.76 4.01
N PHE A 185 34.86 21.85 4.75
CA PHE A 185 33.93 22.95 4.52
C PHE A 185 34.55 24.10 3.71
N GLY A 186 35.64 24.65 4.24
CA GLY A 186 36.32 25.74 3.56
C GLY A 186 35.38 26.83 3.07
N GLU A 187 34.46 27.25 3.93
CA GLU A 187 33.51 28.29 3.55
C GLU A 187 34.25 29.54 3.09
N GLU A 196 42.74 26.65 -3.80
CA GLU A 196 42.42 25.56 -2.87
C GLU A 196 41.11 25.84 -2.14
N SER A 197 40.07 26.15 -2.91
CA SER A 197 38.76 26.43 -2.35
C SER A 197 37.73 25.42 -2.85
N ARG A 198 36.47 25.64 -2.46
CA ARG A 198 35.39 24.74 -2.85
C ARG A 198 34.85 25.03 -4.25
N GLU A 199 34.38 23.99 -4.93
CA GLU A 199 33.81 24.12 -6.27
C GLU A 199 32.60 25.05 -6.28
N GLU A 200 32.12 25.38 -7.47
CA GLU A 200 30.98 26.28 -7.58
C GLU A 200 29.63 25.60 -7.36
N GLY A 201 29.45 24.40 -7.91
CA GLY A 201 28.19 23.70 -7.76
C GLY A 201 28.30 22.19 -7.73
N VAL A 202 27.15 21.52 -7.67
CA VAL A 202 27.12 20.07 -7.60
C VAL A 202 27.48 19.33 -8.87
N ILE A 203 27.62 20.06 -9.97
CA ILE A 203 28.03 19.45 -11.23
C ILE A 203 29.34 20.12 -11.58
N VAL A 204 30.39 19.33 -11.76
CA VAL A 204 31.69 19.89 -12.08
C VAL A 204 32.32 19.21 -13.29
N GLU A 205 33.32 19.86 -13.85
CA GLU A 205 34.03 19.33 -15.00
C GLU A 205 35.34 18.72 -14.54
N LEU A 206 35.63 17.51 -15.02
CA LEU A 206 36.86 16.82 -14.65
C LEU A 206 37.81 16.79 -15.84
N LYS A 207 39.10 16.78 -15.57
CA LYS A 207 40.10 16.73 -16.63
C LYS A 207 40.05 15.33 -17.21
N ARG A 208 40.34 15.21 -18.51
CA ARG A 208 40.30 13.90 -19.16
C ARG A 208 41.07 12.88 -18.35
N GLU A 209 42.24 13.26 -17.85
CA GLU A 209 43.07 12.36 -17.04
C GLU A 209 42.23 11.74 -15.93
N GLN A 210 41.50 12.58 -15.20
CA GLN A 210 40.64 12.11 -14.12
C GLN A 210 39.59 11.14 -14.63
N ILE A 211 38.84 11.53 -15.65
CA ILE A 211 37.82 10.66 -16.22
C ILE A 211 38.40 9.27 -16.44
N GLN A 212 39.52 9.21 -17.16
CA GLN A 212 40.19 7.94 -17.44
C GLN A 212 40.35 7.13 -16.17
N GLU A 213 40.78 7.80 -15.10
CA GLU A 213 40.99 7.15 -13.82
C GLU A 213 39.80 6.29 -13.39
N LEU A 214 38.80 6.91 -12.78
CA LEU A 214 37.62 6.18 -12.32
C LEU A 214 36.85 5.52 -13.45
N MET A 215 37.33 5.68 -14.68
CA MET A 215 36.70 5.09 -15.84
C MET A 215 37.15 3.63 -15.96
N LYS A 216 38.46 3.43 -15.90
CA LYS A 216 39.03 2.08 -16.00
C LYS A 216 38.59 1.19 -14.85
N HIS A 217 38.31 1.81 -13.70
CA HIS A 217 37.86 1.06 -12.53
C HIS A 217 36.45 0.52 -12.74
N ALA A 218 35.63 1.30 -13.44
CA ALA A 218 34.25 0.94 -13.72
C ALA A 218 34.11 -0.38 -14.47
N LYS A 219 32.87 -0.82 -14.67
CA LYS A 219 32.57 -2.08 -15.36
C LYS A 219 31.36 -1.93 -16.27
N SER A 220 31.52 -2.30 -17.54
CA SER A 220 30.44 -2.20 -18.52
C SER A 220 29.70 -3.51 -18.76
N SER A 221 28.70 -3.45 -19.65
CA SER A 221 27.88 -4.61 -20.00
C SER A 221 27.53 -5.46 -18.78
N SER A 227 25.43 -10.74 -7.07
CA SER A 227 24.07 -10.38 -7.47
C SER A 227 24.04 -9.80 -8.89
N SER A 228 24.00 -10.68 -9.88
CA SER A 228 23.96 -10.25 -11.28
C SER A 228 22.67 -9.48 -11.57
N GLN A 229 21.53 -10.13 -11.32
CA GLN A 229 20.24 -9.49 -11.53
C GLN A 229 20.02 -8.45 -10.44
N ASP A 230 20.90 -7.47 -10.41
CA ASP A 230 20.87 -6.39 -9.45
C ASP A 230 21.75 -5.27 -10.02
N GLU A 231 22.36 -5.56 -11.16
CA GLU A 231 23.22 -4.62 -11.83
C GLU A 231 22.40 -4.03 -12.97
N PRO A 232 22.86 -2.92 -13.58
CA PRO A 232 22.10 -2.33 -14.68
C PRO A 232 21.74 -3.31 -15.78
N PHE A 233 20.58 -3.08 -16.40
CA PHE A 233 20.09 -3.91 -17.49
C PHE A 233 19.72 -2.98 -18.66
N ASN A 234 19.66 -3.53 -19.87
CA ASN A 234 19.35 -2.73 -21.05
C ASN A 234 18.25 -3.39 -21.88
N LEU A 235 17.08 -2.75 -21.93
CA LEU A 235 15.95 -3.31 -22.66
C LEU A 235 16.16 -3.40 -24.18
N ARG A 236 17.10 -2.62 -24.71
CA ARG A 236 17.35 -2.65 -26.14
C ARG A 236 18.15 -3.87 -26.61
N ASN A 237 18.64 -4.66 -25.68
CA ASN A 237 19.41 -5.86 -26.02
C ASN A 237 18.47 -7.05 -26.03
N SER A 238 17.18 -6.79 -25.93
CA SER A 238 16.18 -7.85 -25.93
C SER A 238 15.47 -7.88 -27.28
N LYS A 239 14.70 -8.94 -27.51
CA LYS A 239 13.96 -9.06 -28.76
C LYS A 239 12.75 -8.13 -28.65
N PRO A 240 12.60 -7.19 -29.61
CA PRO A 240 11.47 -6.26 -29.58
C PRO A 240 10.18 -7.06 -29.54
N ILE A 241 9.17 -6.57 -28.81
CA ILE A 241 7.91 -7.32 -28.76
C ILE A 241 7.13 -7.12 -30.06
N TYR A 242 7.23 -5.92 -30.63
CA TYR A 242 6.58 -5.62 -31.92
C TYR A 242 7.66 -5.04 -32.82
N SER A 243 7.62 -5.39 -34.11
CA SER A 243 8.64 -4.87 -35.02
C SER A 243 8.33 -5.03 -36.51
N ASN A 244 8.43 -3.93 -37.25
CA ASN A 244 8.21 -3.92 -38.68
C ASN A 244 8.84 -2.67 -39.32
N LYS A 245 8.59 -2.44 -40.60
CA LYS A 245 9.21 -1.30 -41.27
C LYS A 245 8.84 0.09 -40.75
N PHE A 246 7.75 0.18 -39.99
CA PHE A 246 7.32 1.48 -39.48
C PHE A 246 7.74 1.79 -38.04
N GLY A 247 8.07 0.75 -37.27
CA GLY A 247 8.49 0.98 -35.90
C GLY A 247 8.85 -0.29 -35.16
N ARG A 248 9.46 -0.15 -33.99
CA ARG A 248 9.81 -1.29 -33.16
C ARG A 248 9.67 -0.91 -31.69
N TRP A 249 9.26 -1.88 -30.90
CA TRP A 249 9.00 -1.67 -29.50
C TRP A 249 9.77 -2.58 -28.56
N TYR A 250 10.66 -2.01 -27.76
CA TYR A 250 11.42 -2.80 -26.79
C TYR A 250 10.72 -2.63 -25.45
N GLU A 251 10.53 -3.74 -24.74
CA GLU A 251 9.86 -3.68 -23.45
C GLU A 251 10.36 -4.72 -22.46
N MET A 252 10.63 -4.26 -21.24
CA MET A 252 11.10 -5.15 -20.17
C MET A 252 10.10 -5.00 -19.02
N THR A 253 9.50 -6.12 -18.64
CA THR A 253 8.50 -6.14 -17.59
C THR A 253 8.99 -6.75 -16.28
N PRO A 254 8.19 -6.59 -15.21
CA PRO A 254 8.52 -7.13 -13.88
C PRO A 254 8.77 -8.63 -13.93
N GLU A 255 8.04 -9.32 -14.80
CA GLU A 255 8.18 -10.77 -14.92
C GLU A 255 9.46 -11.21 -15.64
N LYS A 256 10.35 -10.27 -15.91
CA LYS A 256 11.60 -10.59 -16.60
C LYS A 256 12.82 -9.95 -15.93
N ASN A 257 12.57 -9.14 -14.91
CA ASN A 257 13.66 -8.46 -14.22
C ASN A 257 13.30 -8.21 -12.75
N PRO A 258 14.16 -8.68 -11.83
CA PRO A 258 13.96 -8.53 -10.38
C PRO A 258 13.80 -7.09 -9.89
N GLN A 259 14.65 -6.19 -10.38
CA GLN A 259 14.56 -4.79 -9.97
C GLN A 259 13.19 -4.24 -10.37
N LEU A 260 12.77 -4.53 -11.61
CA LEU A 260 11.48 -4.06 -12.09
C LEU A 260 10.33 -4.66 -11.27
N LYS A 261 10.50 -5.91 -10.86
CA LYS A 261 9.46 -6.57 -10.08
C LYS A 261 9.27 -5.89 -8.73
N ASP A 262 10.36 -5.44 -8.12
CA ASP A 262 10.27 -4.78 -6.83
C ASP A 262 9.43 -3.51 -6.95
N LEU A 263 9.66 -2.76 -8.02
CA LEU A 263 8.94 -1.51 -8.27
C LEU A 263 7.59 -1.70 -8.97
N ASP A 264 7.34 -2.90 -9.47
CA ASP A 264 6.12 -3.21 -10.22
C ASP A 264 6.02 -2.18 -11.33
N VAL A 265 7.10 -2.05 -12.09
CA VAL A 265 7.20 -1.10 -13.19
C VAL A 265 7.77 -1.78 -14.43
N PHE A 266 7.30 -1.40 -15.61
CA PHE A 266 7.88 -1.96 -16.83
C PHE A 266 8.48 -0.77 -17.59
N ILE A 267 9.48 -1.02 -18.41
CA ILE A 267 10.09 0.07 -19.17
C ILE A 267 9.94 -0.21 -20.66
N SER A 268 9.77 0.85 -21.44
CA SER A 268 9.58 0.72 -22.87
C SER A 268 10.43 1.70 -23.65
N SER A 269 10.91 1.25 -24.80
CA SER A 269 11.71 2.07 -25.70
C SER A 269 11.11 1.83 -27.08
N VAL A 270 10.52 2.87 -27.67
CA VAL A 270 9.87 2.76 -28.95
C VAL A 270 10.46 3.61 -30.07
N ASP A 271 10.75 2.94 -31.19
CA ASP A 271 11.30 3.60 -32.38
C ASP A 271 10.20 3.69 -33.44
N MET A 272 10.08 4.86 -34.05
CA MET A 272 9.09 5.08 -35.09
C MET A 272 9.70 5.95 -36.17
N LYS A 273 9.51 5.57 -37.43
CA LYS A 273 10.04 6.41 -38.49
C LYS A 273 8.98 7.41 -38.90
N GLU A 274 9.43 8.56 -39.38
CA GLU A 274 8.54 9.63 -39.80
C GLU A 274 7.36 9.15 -40.63
N GLY A 275 6.17 9.63 -40.27
CA GLY A 275 4.97 9.24 -40.99
C GLY A 275 4.33 7.95 -40.49
N ALA A 276 4.94 7.30 -39.52
CA ALA A 276 4.37 6.06 -39.00
C ALA A 276 3.26 6.32 -37.99
N LEU A 277 2.36 5.35 -37.86
CA LEU A 277 1.26 5.45 -36.93
C LEU A 277 1.23 4.24 -35.99
N LEU A 278 1.23 4.51 -34.70
CA LEU A 278 1.12 3.45 -33.70
C LEU A 278 -0.39 3.31 -33.51
N LEU A 279 -0.93 2.17 -33.93
CA LEU A 279 -2.36 1.91 -33.86
C LEU A 279 -3.04 2.11 -32.52
N PRO A 280 -4.31 2.52 -32.56
CA PRO A 280 -5.12 2.74 -31.36
C PRO A 280 -5.04 1.52 -30.45
N HIS A 281 -4.76 1.75 -29.18
CA HIS A 281 -4.66 0.67 -28.22
C HIS A 281 -4.81 1.23 -26.82
N TYR A 282 -4.80 0.35 -25.84
CA TYR A 282 -4.86 0.78 -24.45
C TYR A 282 -4.17 -0.25 -23.59
N ASN A 283 -3.62 0.20 -22.48
CA ASN A 283 -2.95 -0.67 -21.53
C ASN A 283 -4.01 -1.03 -20.51
N SER A 284 -4.21 -2.32 -20.26
CA SER A 284 -5.25 -2.74 -19.35
C SER A 284 -5.16 -2.21 -17.90
N LYS A 285 -3.97 -2.27 -17.31
CA LYS A 285 -3.86 -1.83 -15.91
C LYS A 285 -2.69 -0.93 -15.60
N ALA A 286 -1.80 -0.73 -16.57
CA ALA A 286 -0.63 0.11 -16.36
C ALA A 286 -0.85 1.59 -16.63
N ILE A 287 -0.35 2.44 -15.74
CA ILE A 287 -0.43 3.89 -15.91
C ILE A 287 0.92 4.20 -16.54
N VAL A 288 0.94 4.73 -17.76
CA VAL A 288 2.21 5.00 -18.44
C VAL A 288 2.73 6.43 -18.45
N ILE A 289 4.01 6.57 -18.11
CA ILE A 289 4.68 7.85 -18.11
C ILE A 289 5.70 7.77 -19.25
N MET A 290 5.44 8.50 -20.33
CA MET A 290 6.34 8.47 -21.47
C MET A 290 7.05 9.82 -21.64
N VAL A 291 8.25 9.76 -22.19
CA VAL A 291 9.05 10.94 -22.44
C VAL A 291 9.65 10.87 -23.85
N ILE A 292 9.67 11.99 -24.56
CA ILE A 292 10.22 12.01 -25.90
C ILE A 292 11.74 12.16 -25.81
N ASN A 293 12.45 11.16 -26.30
CA ASN A 293 13.90 11.15 -26.30
C ASN A 293 14.37 12.07 -27.43
N GLU A 294 14.04 11.70 -28.66
CA GLU A 294 14.39 12.51 -29.83
C GLU A 294 13.26 12.45 -30.84
N GLY A 295 13.02 13.57 -31.52
CA GLY A 295 11.96 13.60 -32.51
C GLY A 295 10.73 14.34 -32.02
N GLU A 296 9.65 14.20 -32.76
CA GLU A 296 8.41 14.87 -32.42
C GLU A 296 7.28 13.92 -32.73
N ALA A 297 6.18 14.03 -32.00
CA ALA A 297 5.06 13.15 -32.21
C ALA A 297 3.74 13.85 -31.96
N LYS A 298 2.67 13.25 -32.49
CA LYS A 298 1.31 13.75 -32.31
C LYS A 298 0.63 12.62 -31.57
N ILE A 299 0.01 12.93 -30.44
CA ILE A 299 -0.64 11.90 -29.66
C ILE A 299 -2.12 12.19 -29.45
N GLU A 300 -2.92 11.14 -29.52
CA GLU A 300 -4.36 11.27 -29.33
C GLU A 300 -4.77 10.29 -28.24
N LEU A 301 -5.34 10.84 -27.18
CA LEU A 301 -5.77 10.06 -26.03
C LEU A 301 -7.27 10.21 -25.92
N VAL A 302 -7.95 9.14 -25.49
CA VAL A 302 -9.39 9.17 -25.36
C VAL A 302 -9.84 8.95 -23.93
N GLY A 303 -10.63 9.89 -23.41
CA GLY A 303 -11.15 9.78 -22.08
C GLY A 303 -12.67 9.87 -22.20
N LEU A 304 -13.34 10.08 -21.08
CA LEU A 304 -14.79 10.19 -21.09
C LEU A 304 -15.20 11.48 -20.40
N SER A 305 -16.23 12.14 -20.92
CA SER A 305 -16.71 13.38 -20.33
C SER A 305 -17.46 13.09 -19.04
N ASP A 306 -17.48 14.07 -18.14
CA ASP A 306 -18.16 13.94 -16.85
C ASP A 306 -18.00 15.19 -15.99
N GLU A 315 -29.00 12.45 -22.22
CA GLU A 315 -27.62 12.82 -21.99
C GLU A 315 -26.66 11.76 -22.52
N SER A 316 -26.50 11.69 -23.84
CA SER A 316 -25.60 10.72 -24.45
C SER A 316 -24.20 10.93 -23.89
N LEU A 317 -23.54 9.84 -23.49
CA LEU A 317 -22.19 9.95 -22.95
C LEU A 317 -21.20 10.17 -24.08
N GLU A 318 -20.50 11.30 -24.05
CA GLU A 318 -19.52 11.65 -25.06
C GLU A 318 -18.10 11.37 -24.64
N VAL A 319 -17.24 11.09 -25.62
CA VAL A 319 -15.84 10.86 -25.34
C VAL A 319 -15.20 12.23 -25.16
N GLN A 320 -14.06 12.24 -24.49
CA GLN A 320 -13.30 13.47 -24.26
C GLN A 320 -11.97 13.25 -24.97
N ARG A 321 -11.65 14.14 -25.89
CA ARG A 321 -10.41 14.03 -26.64
C ARG A 321 -9.29 14.85 -26.02
N TYR A 322 -8.16 14.19 -25.78
CA TYR A 322 -7.00 14.84 -25.22
C TYR A 322 -5.92 14.74 -26.29
N ARG A 323 -5.47 15.88 -26.80
CA ARG A 323 -4.44 15.86 -27.82
C ARG A 323 -3.27 16.77 -27.53
N ALA A 324 -2.13 16.44 -28.12
CA ALA A 324 -0.94 17.22 -27.90
C ALA A 324 0.20 16.85 -28.85
N GLU A 325 1.09 17.82 -29.03
CA GLU A 325 2.28 17.66 -29.85
C GLU A 325 3.41 17.40 -28.86
N LEU A 326 4.06 16.25 -28.95
CA LEU A 326 5.14 15.92 -28.03
C LEU A 326 6.52 16.18 -28.64
N SER A 327 7.29 17.06 -27.98
CA SER A 327 8.63 17.42 -28.43
C SER A 327 9.68 16.88 -27.46
N GLU A 328 10.94 16.96 -27.85
CA GLU A 328 12.05 16.47 -27.03
C GLU A 328 11.90 16.84 -25.55
N ASP A 329 12.09 15.85 -24.69
CA ASP A 329 11.99 16.00 -23.23
C ASP A 329 10.59 16.18 -22.68
N ASP A 330 9.60 16.29 -23.56
CA ASP A 330 8.23 16.44 -23.11
C ASP A 330 7.79 15.14 -22.47
N VAL A 331 6.90 15.23 -21.50
CA VAL A 331 6.38 14.05 -20.83
C VAL A 331 4.87 14.03 -21.04
N PHE A 332 4.31 12.82 -21.20
CA PHE A 332 2.88 12.66 -21.39
C PHE A 332 2.42 11.42 -20.65
N VAL A 333 1.26 11.50 -20.02
CA VAL A 333 0.74 10.37 -19.26
C VAL A 333 -0.47 9.70 -19.89
N ILE A 334 -0.38 8.39 -20.07
CA ILE A 334 -1.47 7.63 -20.64
C ILE A 334 -2.09 6.85 -19.48
N PRO A 335 -3.24 7.32 -18.95
CA PRO A 335 -3.88 6.62 -17.82
C PRO A 335 -4.25 5.20 -18.23
N ALA A 336 -4.29 4.30 -17.25
CA ALA A 336 -4.64 2.92 -17.54
C ALA A 336 -6.03 2.87 -18.16
N ALA A 337 -6.20 1.98 -19.13
CA ALA A 337 -7.48 1.76 -19.82
C ALA A 337 -7.88 2.82 -20.83
N TYR A 338 -7.19 3.96 -20.84
CA TYR A 338 -7.50 5.03 -21.79
C TYR A 338 -6.94 4.71 -23.19
N PRO A 339 -7.82 4.71 -24.21
CA PRO A 339 -7.36 4.42 -25.57
C PRO A 339 -6.38 5.50 -26.03
N VAL A 340 -5.39 5.09 -26.83
CA VAL A 340 -4.39 6.04 -27.28
C VAL A 340 -3.79 5.62 -28.62
N ALA A 341 -3.26 6.60 -29.36
CA ALA A 341 -2.63 6.35 -30.65
C ALA A 341 -1.59 7.45 -30.86
N ILE A 342 -0.53 7.14 -31.60
CA ILE A 342 0.55 8.10 -31.81
C ILE A 342 1.05 8.19 -33.26
N ASN A 343 1.17 9.42 -33.75
CA ASN A 343 1.68 9.68 -35.10
C ASN A 343 3.08 10.28 -34.97
N ALA A 344 4.07 9.66 -35.60
CA ALA A 344 5.44 10.16 -35.58
C ALA A 344 5.61 11.17 -36.70
N THR A 345 5.68 12.44 -36.35
CA THR A 345 5.83 13.47 -37.37
C THR A 345 7.28 13.72 -37.79
N SER A 346 8.18 12.93 -37.23
CA SER A 346 9.60 12.97 -37.55
C SER A 346 10.09 11.63 -37.07
N ASN A 347 11.31 11.26 -37.45
CA ASN A 347 11.84 9.99 -36.96
C ASN A 347 11.79 10.17 -35.45
N LEU A 348 11.53 9.10 -34.73
CA LEU A 348 11.35 9.25 -33.30
C LEU A 348 11.64 8.07 -32.42
N ASN A 349 11.97 8.39 -31.17
CA ASN A 349 12.20 7.40 -30.12
C ASN A 349 11.67 8.00 -28.83
N PHE A 350 10.87 7.23 -28.11
CA PHE A 350 10.38 7.67 -26.83
C PHE A 350 10.57 6.54 -25.84
N PHE A 351 10.69 6.90 -24.58
CA PHE A 351 10.87 5.94 -23.50
C PHE A 351 9.66 6.08 -22.59
N ALA A 352 9.29 4.99 -21.92
CA ALA A 352 8.14 5.04 -21.04
C ALA A 352 8.30 4.18 -19.80
N PHE A 353 7.68 4.63 -18.71
CA PHE A 353 7.67 3.92 -17.45
C PHE A 353 6.24 3.43 -17.29
N GLY A 354 6.06 2.15 -16.97
CA GLY A 354 4.72 1.64 -16.75
C GLY A 354 4.49 1.32 -15.29
N ILE A 355 3.65 2.13 -14.63
CA ILE A 355 3.33 1.94 -13.21
C ILE A 355 2.21 0.89 -13.11
N ASN A 356 2.18 0.14 -12.01
CA ASN A 356 1.17 -0.90 -11.83
C ASN A 356 1.31 -1.84 -13.03
N ALA A 357 2.56 -2.17 -13.36
CA ALA A 357 2.90 -3.00 -14.52
C ALA A 357 2.55 -4.48 -14.58
N GLU A 358 2.67 -5.17 -13.45
CA GLU A 358 2.40 -6.60 -13.39
C GLU A 358 1.24 -7.10 -14.25
N ASN A 359 1.56 -8.00 -15.17
CA ASN A 359 0.57 -8.61 -16.08
C ASN A 359 -0.21 -7.64 -16.95
N ASN A 360 0.39 -6.50 -17.29
CA ASN A 360 -0.29 -5.55 -18.15
C ASN A 360 -0.60 -6.24 -19.48
N GLN A 361 -1.76 -5.94 -20.04
CA GLN A 361 -2.19 -6.49 -21.33
C GLN A 361 -2.45 -5.35 -22.29
N ARG A 362 -1.63 -5.23 -23.32
CA ARG A 362 -1.81 -4.17 -24.30
C ARG A 362 -2.86 -4.61 -25.32
N ASN A 363 -4.02 -3.97 -25.26
CA ASN A 363 -5.13 -4.26 -26.17
C ASN A 363 -5.15 -3.32 -27.36
N PHE A 364 -4.84 -3.84 -28.54
CA PHE A 364 -4.88 -3.04 -29.75
C PHE A 364 -6.31 -3.07 -30.25
N LEU A 365 -6.73 -1.99 -30.92
CA LEU A 365 -8.09 -1.86 -31.41
C LEU A 365 -8.24 -1.95 -32.93
N ALA A 366 -7.16 -2.31 -33.60
CA ALA A 366 -7.17 -2.43 -35.05
C ALA A 366 -5.96 -3.26 -35.44
N GLY A 367 -5.94 -3.76 -36.67
CA GLY A 367 -4.80 -4.54 -37.12
C GLY A 367 -4.99 -6.01 -36.87
N GLY A 368 -3.97 -6.80 -37.21
CA GLY A 368 -4.05 -8.24 -37.02
C GLY A 368 -3.77 -8.71 -35.61
N LYS A 369 -2.52 -8.61 -35.19
CA LYS A 369 -2.13 -9.06 -33.87
C LYS A 369 -2.58 -8.19 -32.70
N ASP A 370 -2.93 -8.86 -31.59
CA ASP A 370 -3.35 -8.22 -30.36
C ASP A 370 -4.60 -7.33 -30.46
N ASN A 371 -5.41 -7.54 -31.49
CA ASN A 371 -6.61 -6.73 -31.70
C ASN A 371 -7.81 -7.33 -30.97
N VAL A 372 -8.16 -6.75 -29.83
CA VAL A 372 -9.28 -7.24 -29.03
C VAL A 372 -10.62 -7.22 -29.78
N MET A 373 -10.80 -6.31 -30.71
CA MET A 373 -12.06 -6.25 -31.46
C MET A 373 -12.30 -7.52 -32.27
N SER A 374 -11.23 -8.15 -32.72
CA SER A 374 -11.35 -9.37 -33.53
C SER A 374 -11.66 -10.59 -32.68
N GLU A 375 -11.78 -10.42 -31.37
CA GLU A 375 -12.09 -11.55 -30.50
C GLU A 375 -13.54 -11.50 -30.03
N ILE A 376 -14.28 -10.50 -30.50
CA ILE A 376 -15.68 -10.36 -30.14
C ILE A 376 -16.56 -11.16 -31.09
N PRO A 377 -17.39 -12.07 -30.55
CA PRO A 377 -18.27 -12.88 -31.39
C PRO A 377 -19.20 -12.07 -32.29
N THR A 378 -19.52 -12.65 -33.45
CA THR A 378 -20.38 -12.02 -34.45
C THR A 378 -21.70 -11.52 -33.89
N GLU A 379 -22.35 -12.35 -33.09
CA GLU A 379 -23.63 -12.00 -32.50
C GLU A 379 -23.52 -10.77 -31.61
N VAL A 380 -22.43 -10.67 -30.86
CA VAL A 380 -22.24 -9.52 -29.98
C VAL A 380 -21.93 -8.27 -30.80
N LEU A 381 -21.05 -8.41 -31.80
CA LEU A 381 -20.72 -7.28 -32.66
C LEU A 381 -21.99 -6.76 -33.34
N GLU A 382 -22.85 -7.70 -33.70
CA GLU A 382 -24.12 -7.39 -34.36
C GLU A 382 -24.92 -6.35 -33.59
N VAL A 383 -24.89 -6.40 -32.26
CA VAL A 383 -25.64 -5.44 -31.47
C VAL A 383 -24.81 -4.30 -30.90
N SER A 384 -23.49 -4.45 -30.91
CA SER A 384 -22.60 -3.41 -30.38
C SER A 384 -22.43 -2.26 -31.35
N PHE A 385 -22.63 -2.53 -32.63
CA PHE A 385 -22.47 -1.51 -33.66
C PHE A 385 -23.67 -1.43 -34.59
N PRO A 386 -23.81 -0.32 -35.33
CA PRO A 386 -24.92 -0.13 -36.27
C PRO A 386 -25.02 -1.21 -37.34
N ALA A 387 -23.92 -1.44 -38.05
CA ALA A 387 -23.90 -2.43 -39.11
C ALA A 387 -24.10 -3.84 -38.55
N SER A 388 -24.21 -4.81 -39.44
CA SER A 388 -24.41 -6.19 -39.05
C SER A 388 -23.08 -6.76 -38.57
N GLY A 389 -23.15 -7.90 -37.87
CA GLY A 389 -21.95 -8.53 -37.38
C GLY A 389 -20.98 -8.85 -38.50
N LYS A 390 -21.51 -9.43 -39.58
CA LYS A 390 -20.71 -9.79 -40.74
C LYS A 390 -19.97 -8.57 -41.31
N LYS A 391 -20.67 -7.44 -41.41
CA LYS A 391 -20.06 -6.22 -41.93
C LYS A 391 -18.99 -5.69 -40.98
N VAL A 392 -19.31 -5.64 -39.68
CA VAL A 392 -18.35 -5.16 -38.70
C VAL A 392 -17.09 -6.02 -38.81
N GLU A 393 -17.29 -7.32 -38.92
CA GLU A 393 -16.19 -8.29 -39.06
C GLU A 393 -15.35 -8.02 -40.31
N LYS A 394 -16.02 -7.68 -41.41
CA LYS A 394 -15.36 -7.40 -42.68
C LYS A 394 -14.44 -6.18 -42.57
N LEU A 395 -14.93 -5.14 -41.89
CA LEU A 395 -14.15 -3.91 -41.71
C LEU A 395 -12.93 -4.17 -40.83
N ILE A 396 -13.14 -4.83 -39.71
CA ILE A 396 -12.08 -5.13 -38.77
C ILE A 396 -10.92 -5.89 -39.42
N LYS A 397 -11.22 -6.70 -40.42
CA LYS A 397 -10.20 -7.50 -41.09
C LYS A 397 -9.52 -6.79 -42.27
N LYS A 398 -10.03 -5.62 -42.63
CA LYS A 398 -9.46 -4.86 -43.74
C LYS A 398 -8.00 -4.50 -43.51
N GLN A 399 -7.64 -4.20 -42.27
CA GLN A 399 -6.26 -3.85 -41.92
C GLN A 399 -5.47 -5.11 -41.55
N SER A 400 -4.69 -5.62 -42.49
CA SER A 400 -3.91 -6.84 -42.23
C SER A 400 -2.57 -6.59 -41.54
N GLU A 401 -2.15 -5.33 -41.46
CA GLU A 401 -0.87 -5.02 -40.81
C GLU A 401 -1.07 -4.94 -39.29
N SER A 402 0.02 -4.93 -38.54
CA SER A 402 -0.09 -4.91 -37.08
C SER A 402 0.80 -3.95 -36.31
N HIS A 403 0.27 -3.44 -35.20
CA HIS A 403 0.96 -2.53 -34.27
C HIS A 403 1.37 -1.18 -34.85
N PHE A 404 2.28 -1.19 -35.81
CA PHE A 404 2.75 0.03 -36.45
C PHE A 404 2.36 -0.06 -37.92
N VAL A 405 1.79 1.01 -38.48
CA VAL A 405 1.41 1.04 -39.88
C VAL A 405 1.74 2.43 -40.43
N ASP A 406 1.72 2.55 -41.75
CA ASP A 406 1.99 3.84 -42.37
C ASP A 406 0.75 4.68 -42.09
N ALA A 407 0.95 5.96 -41.81
CA ALA A 407 -0.18 6.84 -41.51
C ALA A 407 -0.97 7.18 -42.77
N GLN A 408 -1.15 6.17 -43.62
CA GLN A 408 -1.87 6.31 -44.87
C GLN A 408 -2.71 5.08 -45.12
N PRO A 409 -4.01 5.24 -45.42
CA PRO A 409 -4.80 4.05 -45.68
C PRO A 409 -4.23 3.42 -46.97
N SER B 13 18.37 28.83 11.72
CA SER B 13 18.20 27.43 11.20
C SER B 13 18.59 26.40 12.27
N ASP B 14 17.91 26.44 13.41
CA ASP B 14 18.18 25.53 14.52
C ASP B 14 16.91 25.27 15.37
N SER B 15 16.15 24.25 14.99
CA SER B 15 14.93 23.87 15.70
C SER B 15 15.26 22.88 16.81
N ARG B 16 15.13 23.32 18.06
CA ARG B 16 15.45 22.45 19.17
C ARG B 16 14.39 22.40 20.27
N GLY B 17 14.53 21.44 21.16
CA GLY B 17 13.59 21.28 22.25
C GLY B 17 12.20 20.96 21.76
N GLU B 18 11.20 21.54 22.40
CA GLU B 18 9.82 21.31 22.02
C GLU B 18 9.47 21.96 20.68
N ASN B 19 10.44 22.61 20.06
CA ASN B 19 10.22 23.24 18.76
C ASN B 19 10.78 22.33 17.67
N ASN B 20 11.32 21.20 18.09
CA ASN B 20 11.87 20.21 17.18
C ASN B 20 10.69 19.28 16.86
N PRO B 21 10.19 19.32 15.61
CA PRO B 21 9.07 18.49 15.18
C PRO B 21 9.30 16.99 15.23
N PHE B 22 10.57 16.59 15.25
CA PHE B 22 10.91 15.17 15.29
C PHE B 22 11.06 14.66 16.73
N TYR B 23 10.94 15.56 17.69
CA TYR B 23 11.05 15.22 19.10
C TYR B 23 9.66 15.07 19.71
N PHE B 24 9.38 13.89 20.28
CA PHE B 24 8.09 13.61 20.88
C PHE B 24 8.32 13.30 22.35
N SER B 25 8.40 14.36 23.16
CA SER B 25 8.69 14.20 24.58
C SER B 25 7.62 13.49 25.38
N SER B 26 8.08 12.72 26.37
CA SER B 26 7.21 12.00 27.27
C SER B 26 6.35 13.02 27.98
N ASP B 27 6.92 14.21 28.17
CA ASP B 27 6.24 15.31 28.85
C ASP B 27 5.03 15.95 28.18
N ARG B 28 5.13 16.20 26.88
CA ARG B 28 4.02 16.87 26.18
C ARG B 28 3.41 16.19 24.96
N ARG B 29 4.07 15.18 24.41
CA ARG B 29 3.53 14.53 23.20
C ARG B 29 2.76 13.23 23.36
N PHE B 30 2.20 12.99 24.54
CA PHE B 30 1.43 11.78 24.77
C PHE B 30 0.02 12.07 25.27
N HIS B 31 -0.89 11.16 24.95
CA HIS B 31 -2.27 11.28 25.40
C HIS B 31 -2.53 10.03 26.25
N THR B 32 -3.07 10.22 27.44
CA THR B 32 -3.37 9.11 28.34
C THR B 32 -4.69 8.49 27.94
N LEU B 33 -4.66 7.19 27.62
CA LEU B 33 -5.87 6.47 27.23
C LEU B 33 -6.58 5.95 28.48
N PHE B 34 -5.78 5.58 29.47
CA PHE B 34 -6.29 5.10 30.75
C PHE B 34 -5.19 5.20 31.78
N THR B 35 -5.58 5.48 33.02
CA THR B 35 -4.63 5.57 34.09
C THR B 35 -5.29 5.29 35.43
N ASN B 36 -4.56 4.64 36.32
CA ASN B 36 -5.05 4.34 37.65
C ASN B 36 -3.84 4.05 38.53
N GLN B 37 -4.08 3.66 39.77
CA GLN B 37 -3.00 3.39 40.70
C GLN B 37 -2.10 2.21 40.32
N TYR B 38 -2.59 1.32 39.47
CA TYR B 38 -1.81 0.15 39.09
C TYR B 38 -1.03 0.30 37.79
N GLY B 39 -1.34 1.34 37.03
CA GLY B 39 -0.62 1.54 35.78
C GLY B 39 -1.34 2.48 34.84
N HIS B 40 -0.76 2.71 33.67
CA HIS B 40 -1.37 3.58 32.69
C HIS B 40 -0.97 3.20 31.26
N LEU B 41 -1.81 3.59 30.32
CA LEU B 41 -1.61 3.29 28.91
C LEU B 41 -1.64 4.65 28.22
N ARG B 42 -0.60 4.98 27.47
CA ARG B 42 -0.57 6.25 26.77
C ARG B 42 -0.32 6.06 25.28
N ILE B 43 -0.77 7.01 24.47
CA ILE B 43 -0.57 6.91 23.03
C ILE B 43 0.10 8.21 22.55
N LEU B 44 1.13 8.08 21.73
CA LEU B 44 1.85 9.22 21.22
C LEU B 44 1.01 10.08 20.26
N HIS B 45 1.23 11.39 20.28
CA HIS B 45 0.53 12.28 19.36
C HIS B 45 0.87 11.79 17.96
N ARG B 46 -0.07 11.95 17.03
CA ARG B 46 0.15 11.51 15.65
C ARG B 46 1.37 12.13 14.99
N PHE B 47 2.16 11.30 14.30
CA PHE B 47 3.38 11.75 13.64
C PHE B 47 3.16 12.80 12.55
N ASP B 48 2.24 12.51 11.63
CA ASP B 48 1.95 13.42 10.53
C ASP B 48 1.43 14.80 10.97
N GLN B 49 0.75 14.85 12.11
CA GLN B 49 0.21 16.12 12.61
C GLN B 49 1.34 17.01 13.13
N ARG B 50 2.46 16.40 13.47
CA ARG B 50 3.61 17.15 13.97
C ARG B 50 4.53 17.63 12.85
N SER B 51 4.69 16.81 11.82
CA SER B 51 5.54 17.17 10.71
C SER B 51 5.23 16.43 9.43
N LYS B 52 5.13 17.19 8.34
CA LYS B 52 4.87 16.62 7.04
C LYS B 52 6.12 15.92 6.53
N GLN B 53 7.25 16.19 7.18
CA GLN B 53 8.51 15.56 6.77
C GLN B 53 8.52 14.08 7.13
N ILE B 54 7.53 13.64 7.90
CA ILE B 54 7.43 12.24 8.25
C ILE B 54 6.00 11.76 7.98
N GLN B 55 5.38 12.36 6.97
CA GLN B 55 4.01 12.04 6.56
C GLN B 55 3.76 10.55 6.42
N ASN B 56 4.73 9.80 5.89
CA ASN B 56 4.52 8.36 5.72
C ASN B 56 4.51 7.50 7.00
N LEU B 57 4.45 8.14 8.17
CA LEU B 57 4.36 7.40 9.41
C LEU B 57 2.91 7.54 9.90
N GLU B 58 2.09 8.17 9.08
CA GLU B 58 0.68 8.40 9.42
C GLU B 58 -0.12 7.14 9.73
N ASN B 59 0.27 6.02 9.15
CA ASN B 59 -0.44 4.76 9.37
C ASN B 59 0.05 4.01 10.61
N TYR B 60 0.93 4.65 11.37
CA TYR B 60 1.48 4.05 12.59
C TYR B 60 1.19 4.88 13.83
N ARG B 61 0.92 4.21 14.93
CA ARG B 61 0.71 4.89 16.21
C ARG B 61 1.68 4.21 17.17
N VAL B 62 1.96 4.86 18.30
CA VAL B 62 2.87 4.31 19.31
C VAL B 62 2.21 4.36 20.68
N VAL B 63 2.21 3.22 21.36
CA VAL B 63 1.61 3.13 22.67
C VAL B 63 2.63 2.77 23.75
N GLU B 64 2.55 3.45 24.89
CA GLU B 64 3.42 3.15 26.02
C GLU B 64 2.53 2.64 27.14
N PHE B 65 2.90 1.50 27.70
CA PHE B 65 2.15 0.89 28.78
C PHE B 65 3.10 0.68 29.95
N LYS B 66 2.63 0.99 31.16
CA LYS B 66 3.43 0.83 32.37
C LYS B 66 2.54 0.35 33.52
N SER B 67 2.93 -0.74 34.17
CA SER B 67 2.14 -1.26 35.27
C SER B 67 2.97 -1.69 36.47
N LYS B 68 2.34 -1.70 37.63
CA LYS B 68 3.00 -2.07 38.88
C LYS B 68 3.13 -3.58 39.00
N PRO B 69 3.88 -4.06 40.02
CA PRO B 69 4.06 -5.50 40.22
C PRO B 69 2.72 -6.23 40.42
N ASN B 70 2.70 -7.50 40.02
CA ASN B 70 1.52 -8.35 40.17
C ASN B 70 0.20 -7.76 39.64
N THR B 71 0.26 -7.11 38.48
CA THR B 71 -0.94 -6.52 37.90
C THR B 71 -1.39 -7.25 36.65
N LEU B 72 -2.61 -6.95 36.22
CA LEU B 72 -3.19 -7.56 35.04
C LEU B 72 -3.99 -6.57 34.20
N LEU B 73 -3.70 -6.55 32.90
CA LEU B 73 -4.44 -5.71 31.97
C LEU B 73 -5.52 -6.65 31.45
N LEU B 74 -6.78 -6.33 31.77
CA LEU B 74 -7.92 -7.15 31.40
C LEU B 74 -8.00 -7.47 29.90
N PRO B 75 -8.63 -8.60 29.55
CA PRO B 75 -8.77 -9.02 28.16
C PRO B 75 -9.46 -7.99 27.26
N HIS B 76 -8.87 -7.78 26.08
CA HIS B 76 -9.39 -6.82 25.12
C HIS B 76 -8.72 -7.07 23.78
N HIS B 77 -9.30 -6.51 22.72
CA HIS B 77 -8.72 -6.62 21.40
C HIS B 77 -8.83 -5.25 20.74
N ALA B 78 -8.01 -5.02 19.73
CA ALA B 78 -8.02 -3.74 19.03
C ALA B 78 -7.94 -3.94 17.53
N ASP B 79 -8.54 -3.01 16.78
CA ASP B 79 -8.52 -3.08 15.34
C ASP B 79 -7.20 -2.50 14.85
N ALA B 80 -6.11 -3.17 15.21
CA ALA B 80 -4.77 -2.75 14.83
C ALA B 80 -3.74 -3.81 15.12
N ASP B 81 -2.75 -3.90 14.23
CA ASP B 81 -1.64 -4.83 14.35
C ASP B 81 -0.71 -4.22 15.43
N PHE B 82 -0.21 -5.04 16.34
CA PHE B 82 0.70 -4.56 17.38
C PHE B 82 2.04 -5.27 17.35
N LEU B 83 3.11 -4.52 17.52
CA LEU B 83 4.42 -5.12 17.65
C LEU B 83 4.73 -4.72 19.08
N LEU B 84 4.46 -5.62 20.01
CA LEU B 84 4.67 -5.37 21.44
C LEU B 84 6.10 -5.66 21.85
N VAL B 85 6.67 -4.73 22.62
CA VAL B 85 8.03 -4.87 23.11
C VAL B 85 8.14 -4.52 24.58
N VAL B 86 8.80 -5.39 25.34
CA VAL B 86 9.02 -5.17 26.76
C VAL B 86 10.28 -4.33 26.87
N LEU B 87 10.13 -3.09 27.28
CA LEU B 87 11.26 -2.19 27.43
C LEU B 87 11.97 -2.42 28.74
N ASN B 88 11.20 -2.75 29.77
CA ASN B 88 11.76 -2.95 31.10
C ASN B 88 10.90 -3.87 31.95
N GLY B 89 11.54 -4.86 32.58
CA GLY B 89 10.82 -5.79 33.42
C GLY B 89 10.49 -7.08 32.69
N ARG B 90 9.39 -7.70 33.07
CA ARG B 90 8.98 -8.94 32.44
C ARG B 90 7.47 -9.04 32.47
N ALA B 91 6.92 -9.87 31.60
CA ALA B 91 5.47 -9.97 31.53
C ALA B 91 4.98 -11.30 31.01
N ILE B 92 3.72 -11.59 31.28
CA ILE B 92 3.12 -12.80 30.76
C ILE B 92 2.15 -12.27 29.71
N LEU B 93 2.33 -12.69 28.47
CA LEU B 93 1.45 -12.27 27.39
C LEU B 93 0.62 -13.48 27.01
N THR B 94 -0.70 -13.35 27.09
CA THR B 94 -1.57 -14.45 26.74
C THR B 94 -2.48 -14.08 25.57
N LEU B 95 -2.33 -14.81 24.47
CA LEU B 95 -3.14 -14.57 23.29
C LEU B 95 -4.32 -15.53 23.34
N VAL B 96 -5.52 -14.96 23.46
CA VAL B 96 -6.74 -15.74 23.53
C VAL B 96 -7.38 -15.80 22.14
N ASN B 97 -7.41 -16.99 21.57
CA ASN B 97 -7.97 -17.22 20.26
C ASN B 97 -9.40 -17.75 20.38
N PRO B 98 -10.09 -17.93 19.24
CA PRO B 98 -11.46 -18.44 19.23
C PRO B 98 -11.61 -19.80 19.93
N ASP B 99 -10.67 -20.70 19.68
CA ASP B 99 -10.73 -22.03 20.28
C ASP B 99 -9.49 -22.53 21.00
N SER B 100 -8.65 -21.61 21.51
CA SER B 100 -7.44 -21.99 22.23
C SER B 100 -6.74 -20.76 22.75
N ARG B 101 -5.64 -20.95 23.47
CA ARG B 101 -4.89 -19.79 23.96
C ARG B 101 -3.44 -20.13 24.22
N ASP B 102 -2.57 -19.14 24.10
CA ASP B 102 -1.14 -19.32 24.29
C ASP B 102 -0.59 -18.24 25.23
N SER B 103 0.23 -18.67 26.18
CA SER B 103 0.86 -17.77 27.14
C SER B 103 2.35 -17.77 26.94
N TYR B 104 2.96 -16.59 27.04
CA TYR B 104 4.39 -16.49 26.88
C TYR B 104 4.95 -15.57 27.94
N ILE B 105 6.15 -15.90 28.40
CA ILE B 105 6.82 -15.07 29.38
C ILE B 105 7.80 -14.24 28.56
N LEU B 106 7.67 -12.93 28.68
CA LEU B 106 8.55 -12.03 27.94
C LEU B 106 9.53 -11.33 28.85
N GLU B 107 10.81 -11.57 28.59
CA GLU B 107 11.87 -10.95 29.37
C GLU B 107 12.16 -9.61 28.70
N GLN B 108 12.89 -8.75 29.40
CA GLN B 108 13.24 -7.45 28.83
C GLN B 108 13.88 -7.65 27.45
N GLY B 109 13.35 -6.96 26.45
CA GLY B 109 13.89 -7.09 25.11
C GLY B 109 13.05 -7.96 24.18
N HIS B 110 12.14 -8.75 24.75
CA HIS B 110 11.27 -9.61 23.94
C HIS B 110 10.26 -8.81 23.11
N ALA B 111 9.98 -9.31 21.92
CA ALA B 111 9.02 -8.68 21.03
C ALA B 111 8.09 -9.76 20.51
N GLN B 112 6.86 -9.37 20.22
CA GLN B 112 5.88 -10.29 19.68
C GLN B 112 4.83 -9.50 18.92
N LYS B 113 4.50 -9.99 17.73
CA LYS B 113 3.51 -9.35 16.89
C LYS B 113 2.16 -9.92 17.30
N ILE B 114 1.22 -9.05 17.60
CA ILE B 114 -0.12 -9.47 17.98
C ILE B 114 -1.03 -9.05 16.82
N PRO B 115 -1.50 -10.03 16.04
CA PRO B 115 -2.38 -9.74 14.90
C PRO B 115 -3.55 -8.91 15.35
N ALA B 116 -4.02 -8.02 14.47
CA ALA B 116 -5.15 -7.18 14.80
C ALA B 116 -6.35 -8.04 15.19
N GLY B 117 -7.11 -7.57 16.17
CA GLY B 117 -8.29 -8.32 16.60
C GLY B 117 -8.06 -9.48 17.55
N THR B 118 -6.82 -9.74 17.93
CA THR B 118 -6.53 -10.83 18.85
C THR B 118 -6.84 -10.42 20.28
N THR B 119 -7.74 -11.14 20.94
CA THR B 119 -8.06 -10.84 22.32
C THR B 119 -6.86 -11.28 23.15
N PHE B 120 -6.39 -10.40 24.04
CA PHE B 120 -5.27 -10.76 24.88
C PHE B 120 -5.31 -10.02 26.19
N PHE B 121 -4.59 -10.53 27.17
CA PHE B 121 -4.50 -9.86 28.45
C PHE B 121 -3.02 -9.89 28.81
N LEU B 122 -2.61 -9.00 29.71
CA LEU B 122 -1.20 -8.90 30.03
C LEU B 122 -0.98 -8.83 31.54
N VAL B 123 0.05 -9.52 32.00
CA VAL B 123 0.35 -9.49 33.42
C VAL B 123 1.82 -9.25 33.75
N ASN B 124 2.03 -8.46 34.80
CA ASN B 124 3.37 -8.19 35.28
C ASN B 124 3.52 -9.20 36.42
N PRO B 125 4.25 -10.30 36.19
CA PRO B 125 4.45 -11.33 37.19
C PRO B 125 5.52 -11.02 38.23
N ASP B 126 6.27 -9.96 38.03
CA ASP B 126 7.33 -9.61 38.95
C ASP B 126 6.76 -9.06 40.26
N ASP B 127 7.39 -9.43 41.38
CA ASP B 127 6.91 -8.99 42.68
C ASP B 127 7.33 -7.56 43.07
N ASN B 128 8.41 -7.04 42.50
CA ASN B 128 8.84 -5.69 42.87
C ASN B 128 9.10 -4.74 41.71
N GLU B 129 9.30 -5.29 40.51
CA GLU B 129 9.59 -4.47 39.33
C GLU B 129 8.38 -4.07 38.51
N ASN B 130 8.39 -2.83 38.02
CA ASN B 130 7.32 -2.33 37.16
C ASN B 130 7.53 -2.93 35.79
N LEU B 131 6.48 -2.92 34.97
CA LEU B 131 6.56 -3.45 33.62
C LEU B 131 6.36 -2.26 32.69
N ARG B 132 7.32 -2.02 31.81
CA ARG B 132 7.23 -0.92 30.85
C ARG B 132 7.22 -1.52 29.47
N ILE B 133 6.17 -1.22 28.71
CA ILE B 133 6.04 -1.74 27.36
C ILE B 133 5.84 -0.64 26.33
N ILE B 134 6.33 -0.89 25.12
CA ILE B 134 6.15 0.05 24.03
C ILE B 134 5.64 -0.78 22.84
N LYS B 135 4.55 -0.31 22.24
CA LYS B 135 3.92 -0.99 21.11
C LYS B 135 3.82 -0.17 19.83
N LEU B 136 4.18 -0.79 18.72
CA LEU B 136 4.04 -0.13 17.43
C LEU B 136 2.65 -0.61 16.98
N ALA B 137 1.77 0.34 16.65
CA ALA B 137 0.41 -0.01 16.23
C ALA B 137 0.13 0.37 14.77
N ILE B 138 -0.51 -0.53 14.04
CA ILE B 138 -0.88 -0.31 12.63
C ILE B 138 -2.39 -0.53 12.52
N PRO B 139 -3.19 0.55 12.62
CA PRO B 139 -4.66 0.53 12.54
C PRO B 139 -5.20 -0.10 11.25
N VAL B 140 -6.37 -0.74 11.37
CA VAL B 140 -7.03 -1.42 10.24
C VAL B 140 -8.18 -0.65 9.57
N ASN B 141 -9.16 -0.21 10.34
CA ASN B 141 -10.32 0.48 9.79
C ASN B 141 -10.04 1.91 9.35
N ASN B 142 -9.38 2.66 10.21
CA ASN B 142 -9.01 4.03 9.88
C ASN B 142 -7.50 3.99 9.97
N PRO B 143 -6.81 4.57 8.99
CA PRO B 143 -5.34 4.54 9.02
C PRO B 143 -4.66 5.30 10.15
N HIS B 144 -5.34 6.29 10.72
CA HIS B 144 -4.75 7.12 11.76
C HIS B 144 -5.01 6.75 13.22
N ARG B 145 -5.94 5.85 13.46
CA ARG B 145 -6.24 5.45 14.83
C ARG B 145 -6.99 4.14 14.93
N PHE B 146 -7.02 3.58 16.12
CA PHE B 146 -7.71 2.32 16.40
C PHE B 146 -8.55 2.44 17.66
N GLN B 147 -9.39 1.45 17.89
CA GLN B 147 -10.24 1.42 19.07
C GLN B 147 -9.84 0.21 19.93
N ASP B 148 -9.94 0.37 21.24
CA ASP B 148 -9.63 -0.69 22.19
C ASP B 148 -10.93 -1.23 22.72
N PHE B 149 -11.25 -2.47 22.39
CA PHE B 149 -12.49 -3.11 22.84
C PHE B 149 -12.25 -3.95 24.08
N PHE B 150 -12.75 -3.52 25.23
CA PHE B 150 -12.59 -4.30 26.44
C PHE B 150 -13.80 -5.17 26.70
N LEU B 151 -13.55 -6.46 26.88
CA LEU B 151 -14.60 -7.44 27.12
C LEU B 151 -15.12 -7.34 28.54
N SER B 152 -14.24 -6.90 29.44
CA SER B 152 -14.56 -6.76 30.84
C SER B 152 -15.60 -5.70 31.16
N SER B 153 -16.14 -5.79 32.37
CA SER B 153 -17.12 -4.83 32.86
C SER B 153 -16.54 -4.27 34.16
N THR B 154 -16.15 -3.01 34.15
CA THR B 154 -15.58 -2.39 35.33
C THR B 154 -16.22 -1.03 35.52
N GLU B 155 -15.84 -0.34 36.59
CA GLU B 155 -16.39 0.99 36.84
C GLU B 155 -15.89 1.98 35.79
N ALA B 156 -14.79 1.63 35.14
CA ALA B 156 -14.21 2.52 34.11
C ALA B 156 -14.84 2.37 32.72
N GLN B 157 -15.32 1.18 32.40
CA GLN B 157 -15.93 0.95 31.08
C GLN B 157 -16.92 -0.20 31.04
N GLN B 158 -17.83 -0.13 30.07
CA GLN B 158 -18.84 -1.17 29.86
C GLN B 158 -18.25 -2.24 28.97
N SER B 159 -18.69 -3.48 29.14
CA SER B 159 -18.24 -4.58 28.30
C SER B 159 -18.89 -4.31 26.93
N TYR B 160 -18.18 -4.58 25.85
CA TYR B 160 -18.79 -4.34 24.54
C TYR B 160 -19.99 -5.25 24.33
N LEU B 161 -20.17 -6.22 25.22
CA LEU B 161 -21.31 -7.11 25.12
C LEU B 161 -22.60 -6.34 25.40
N ARG B 162 -22.48 -5.22 26.11
CA ARG B 162 -23.61 -4.37 26.43
C ARG B 162 -24.26 -3.72 25.21
N GLY B 163 -23.52 -3.67 24.11
CA GLY B 163 -24.04 -3.06 22.90
C GLY B 163 -25.17 -3.84 22.28
N PHE B 164 -25.28 -5.12 22.63
CA PHE B 164 -26.33 -5.96 22.10
C PHE B 164 -27.59 -5.83 22.95
N SER B 165 -28.75 -6.02 22.32
CA SER B 165 -30.02 -5.90 23.03
C SER B 165 -30.27 -7.10 23.95
N LYS B 166 -31.23 -6.93 24.86
CA LYS B 166 -31.56 -7.97 25.82
C LYS B 166 -32.01 -9.26 25.16
N ASN B 167 -32.85 -9.14 24.14
CA ASN B 167 -33.35 -10.32 23.42
C ASN B 167 -32.23 -11.09 22.74
N ILE B 168 -31.25 -10.39 22.17
CA ILE B 168 -30.13 -11.05 21.52
C ILE B 168 -29.26 -11.69 22.60
N LEU B 169 -29.01 -10.95 23.67
CA LEU B 169 -28.20 -11.48 24.76
C LEU B 169 -28.81 -12.74 25.37
N GLU B 170 -30.09 -12.68 25.70
CA GLU B 170 -30.78 -13.82 26.30
C GLU B 170 -30.70 -15.02 25.39
N ALA B 171 -31.02 -14.81 24.12
CA ALA B 171 -30.99 -15.89 23.14
C ALA B 171 -29.57 -16.42 22.97
N SER B 172 -28.60 -15.51 22.93
CA SER B 172 -27.20 -15.90 22.77
C SER B 172 -26.68 -16.75 23.93
N PHE B 173 -26.97 -16.31 25.15
CA PHE B 173 -26.50 -17.03 26.33
C PHE B 173 -27.53 -18.02 26.86
N ASP B 174 -28.65 -18.14 26.15
CA ASP B 174 -29.71 -19.06 26.54
C ASP B 174 -29.97 -18.92 28.03
N SER B 175 -30.27 -17.69 28.45
CA SER B 175 -30.53 -17.40 29.86
C SER B 175 -31.29 -16.08 30.00
N ASP B 176 -31.93 -15.88 31.14
CA ASP B 176 -32.69 -14.66 31.39
C ASP B 176 -31.74 -13.46 31.56
N PHE B 177 -32.17 -12.28 31.15
CA PHE B 177 -31.32 -11.12 31.27
C PHE B 177 -30.97 -10.79 32.71
N LYS B 178 -31.91 -11.06 33.62
CA LYS B 178 -31.69 -10.81 35.03
C LYS B 178 -30.36 -11.43 35.44
N GLU B 179 -30.16 -12.70 35.09
CA GLU B 179 -28.94 -13.41 35.42
C GLU B 179 -27.73 -12.85 34.68
N ILE B 180 -27.89 -12.64 33.37
CA ILE B 180 -26.80 -12.13 32.55
C ILE B 180 -26.28 -10.78 33.05
N ASN B 181 -27.20 -9.86 33.35
CA ASN B 181 -26.82 -8.55 33.84
C ASN B 181 -26.04 -8.64 35.15
N ARG B 182 -26.54 -9.49 36.06
CA ARG B 182 -25.92 -9.69 37.37
C ARG B 182 -24.51 -10.28 37.27
N VAL B 183 -24.36 -11.30 36.42
CA VAL B 183 -23.08 -11.97 36.25
C VAL B 183 -22.03 -11.22 35.43
N LEU B 184 -22.43 -10.60 34.32
CA LEU B 184 -21.47 -9.91 33.45
C LEU B 184 -21.43 -8.39 33.48
N PHE B 185 -22.55 -7.74 33.83
CA PHE B 185 -22.56 -6.28 33.84
C PHE B 185 -22.60 -5.67 35.24
N GLY B 186 -23.65 -5.96 36.00
CA GLY B 186 -23.77 -5.46 37.34
C GLY B 186 -23.49 -3.97 37.50
N GLU B 187 -24.47 -3.15 37.14
CA GLU B 187 -24.32 -1.70 37.23
C GLU B 187 -25.49 -1.06 37.97
N GLU B 195 -23.55 -2.79 46.05
CA GLU B 195 -22.39 -3.40 46.71
C GLU B 195 -21.12 -3.18 45.87
N GLU B 196 -21.31 -3.06 44.55
CA GLU B 196 -20.22 -2.87 43.61
C GLU B 196 -19.32 -4.10 43.52
N SER B 197 -19.68 -5.00 42.60
CA SER B 197 -18.93 -6.23 42.40
C SER B 197 -17.86 -6.06 41.33
N ARG B 198 -18.11 -5.15 40.39
CA ARG B 198 -17.15 -4.89 39.31
C ARG B 198 -15.83 -4.36 39.86
N GLU B 199 -14.77 -4.52 39.08
CA GLU B 199 -13.47 -4.01 39.46
C GLU B 199 -13.51 -2.53 39.12
N GLU B 200 -12.53 -1.77 39.58
CA GLU B 200 -12.51 -0.34 39.32
C GLU B 200 -12.07 0.04 37.91
N GLY B 201 -10.98 -0.55 37.44
CA GLY B 201 -10.48 -0.23 36.11
C GLY B 201 -9.96 -1.42 35.32
N VAL B 202 -9.45 -1.16 34.12
CA VAL B 202 -8.92 -2.22 33.27
C VAL B 202 -7.56 -2.77 33.67
N ILE B 203 -6.99 -2.21 34.74
CA ILE B 203 -5.73 -2.73 35.23
C ILE B 203 -5.98 -3.05 36.70
N VAL B 204 -5.85 -4.32 37.05
CA VAL B 204 -6.08 -4.75 38.42
C VAL B 204 -4.86 -5.43 39.00
N GLU B 205 -4.86 -5.57 40.32
CA GLU B 205 -3.75 -6.21 41.02
C GLU B 205 -4.21 -7.61 41.40
N LEU B 206 -3.35 -8.60 41.23
CA LEU B 206 -3.71 -9.96 41.56
C LEU B 206 -2.86 -10.47 42.71
N LYS B 207 -3.33 -11.55 43.34
CA LYS B 207 -2.61 -12.17 44.43
C LYS B 207 -1.61 -13.13 43.80
N ARG B 208 -0.51 -13.38 44.48
CA ARG B 208 0.55 -14.27 44.00
C ARG B 208 0.04 -15.60 43.46
N GLU B 209 -0.85 -16.24 44.21
CA GLU B 209 -1.40 -17.53 43.80
C GLU B 209 -2.03 -17.41 42.41
N GLN B 210 -2.76 -16.33 42.18
CA GLN B 210 -3.38 -16.10 40.88
C GLN B 210 -2.28 -15.93 39.82
N ILE B 211 -1.28 -15.12 40.14
CA ILE B 211 -0.17 -14.90 39.22
C ILE B 211 0.47 -16.22 38.81
N GLN B 212 0.89 -17.01 39.79
CA GLN B 212 1.54 -18.29 39.52
C GLN B 212 0.64 -19.19 38.67
N GLU B 213 -0.66 -19.11 38.89
CA GLU B 213 -1.61 -19.93 38.15
C GLU B 213 -1.66 -19.50 36.68
N LEU B 214 -1.40 -18.23 36.42
CA LEU B 214 -1.40 -17.70 35.06
C LEU B 214 0.00 -17.85 34.46
N MET B 215 0.90 -18.44 35.23
CA MET B 215 2.28 -18.66 34.83
C MET B 215 2.51 -20.10 34.38
N LYS B 216 1.77 -21.03 34.98
CA LYS B 216 1.93 -22.46 34.70
C LYS B 216 2.12 -22.88 33.25
N HIS B 217 1.26 -22.42 32.35
CA HIS B 217 1.39 -22.81 30.95
C HIS B 217 2.17 -21.82 30.09
N ALA B 218 2.70 -20.77 30.70
CA ALA B 218 3.47 -19.77 29.96
C ALA B 218 4.79 -20.35 29.46
N LYS B 219 5.06 -20.20 28.17
CA LYS B 219 6.30 -20.71 27.56
C LYS B 219 7.46 -19.73 27.61
N SER B 220 8.67 -20.26 27.66
CA SER B 220 9.89 -19.46 27.70
C SER B 220 10.64 -19.57 26.38
N SER B 221 11.22 -18.46 25.94
CA SER B 221 11.99 -18.39 24.69
C SER B 221 13.24 -19.27 24.75
N SER B 222 13.91 -19.24 25.90
CA SER B 222 15.13 -20.02 26.13
C SER B 222 16.13 -20.01 24.97
N ARG B 223 17.08 -19.07 25.03
CA ARG B 223 18.11 -18.90 24.00
C ARG B 223 18.77 -20.21 23.57
N LYS B 224 18.99 -21.13 24.50
CA LYS B 224 19.62 -22.40 24.18
C LYS B 224 18.72 -23.28 23.31
N GLU B 225 17.40 -23.14 23.49
CA GLU B 225 16.42 -23.92 22.74
C GLU B 225 16.30 -23.51 21.27
N LEU B 226 15.49 -24.26 20.53
CA LEU B 226 15.27 -23.98 19.11
C LEU B 226 13.99 -23.15 19.03
N SER B 227 14.12 -21.92 18.55
CA SER B 227 13.00 -20.99 18.45
C SER B 227 11.94 -21.30 17.41
N SER B 228 10.74 -20.80 17.65
CA SER B 228 9.61 -20.95 16.74
C SER B 228 9.34 -19.54 16.22
N GLN B 229 9.47 -19.35 14.92
CA GLN B 229 9.29 -18.06 14.27
C GLN B 229 8.02 -17.27 14.64
N ASP B 230 7.00 -17.97 15.09
CA ASP B 230 5.74 -17.31 15.44
C ASP B 230 5.59 -16.99 16.92
N GLU B 231 6.64 -17.22 17.69
CA GLU B 231 6.58 -16.94 19.12
C GLU B 231 7.51 -15.78 19.50
N PRO B 232 7.36 -15.24 20.72
CA PRO B 232 8.19 -14.13 21.17
C PRO B 232 9.68 -14.34 20.89
N PHE B 233 10.34 -13.28 20.43
CA PHE B 233 11.76 -13.35 20.15
C PHE B 233 12.46 -12.18 20.84
N ASN B 234 13.72 -12.38 21.21
CA ASN B 234 14.50 -11.34 21.89
C ASN B 234 15.79 -11.01 21.14
N LEU B 235 15.84 -9.80 20.57
CA LEU B 235 16.99 -9.37 19.80
C LEU B 235 18.24 -9.25 20.66
N ARG B 236 18.07 -9.17 21.97
CA ARG B 236 19.22 -9.04 22.86
C ARG B 236 19.93 -10.38 23.09
N ASN B 237 19.32 -11.46 22.63
CA ASN B 237 19.94 -12.78 22.77
C ASN B 237 20.74 -13.11 21.52
N SER B 238 20.87 -12.14 20.63
CA SER B 238 21.62 -12.34 19.40
C SER B 238 22.94 -11.57 19.50
N LYS B 239 23.89 -11.89 18.63
CA LYS B 239 25.18 -11.21 18.64
C LYS B 239 24.99 -9.78 18.15
N PRO B 240 25.53 -8.79 18.89
CA PRO B 240 25.43 -7.37 18.52
C PRO B 240 26.07 -7.11 17.15
N ILE B 241 25.47 -6.23 16.34
CA ILE B 241 26.06 -5.93 15.04
C ILE B 241 27.27 -5.00 15.21
N TYR B 242 27.21 -4.11 16.20
CA TYR B 242 28.34 -3.21 16.50
C TYR B 242 28.62 -3.39 17.98
N SER B 243 29.88 -3.36 18.39
CA SER B 243 30.19 -3.51 19.80
C SER B 243 31.62 -3.15 20.15
N ASN B 244 31.76 -2.24 21.11
CA ASN B 244 33.07 -1.86 21.59
C ASN B 244 33.00 -1.26 22.99
N LYS B 245 34.12 -0.71 23.43
CA LYS B 245 34.26 -0.08 24.74
C LYS B 245 33.17 0.93 25.09
N PHE B 246 32.66 1.65 24.08
CA PHE B 246 31.68 2.70 24.31
C PHE B 246 30.20 2.38 24.14
N GLY B 247 29.88 1.37 23.33
CA GLY B 247 28.49 1.02 23.14
C GLY B 247 28.31 -0.26 22.34
N ARG B 248 27.10 -0.81 22.40
CA ARG B 248 26.82 -2.01 21.64
C ARG B 248 25.42 -1.88 21.05
N TRP B 249 25.25 -2.49 19.89
CA TRP B 249 24.01 -2.40 19.14
C TRP B 249 23.44 -3.75 18.76
N TYR B 250 22.23 -4.06 19.22
CA TYR B 250 21.56 -5.31 18.87
C TYR B 250 20.51 -4.97 17.79
N GLU B 251 20.32 -5.86 16.82
CA GLU B 251 19.35 -5.57 15.77
C GLU B 251 18.82 -6.83 15.06
N MET B 252 17.50 -6.85 14.85
CA MET B 252 16.87 -7.96 14.14
C MET B 252 16.11 -7.35 12.98
N THR B 253 16.24 -7.95 11.80
CA THR B 253 15.60 -7.43 10.60
C THR B 253 14.55 -8.37 10.00
N PRO B 254 13.75 -7.86 9.06
CA PRO B 254 12.73 -8.70 8.44
C PRO B 254 13.35 -9.88 7.67
N GLU B 255 14.62 -9.74 7.33
CA GLU B 255 15.34 -10.79 6.61
C GLU B 255 15.53 -11.99 7.53
N LYS B 256 15.63 -11.73 8.84
CA LYS B 256 15.86 -12.78 9.84
C LYS B 256 14.66 -13.16 10.70
N ASN B 257 13.51 -12.52 10.49
CA ASN B 257 12.33 -12.82 11.29
C ASN B 257 11.06 -12.62 10.47
N PRO B 258 10.18 -13.63 10.42
CA PRO B 258 8.92 -13.54 9.66
C PRO B 258 7.93 -12.51 10.18
N GLN B 259 7.85 -12.35 11.51
CA GLN B 259 6.93 -11.38 12.07
C GLN B 259 7.37 -9.98 11.64
N LEU B 260 8.68 -9.76 11.64
CA LEU B 260 9.25 -8.48 11.23
C LEU B 260 9.07 -8.28 9.73
N LYS B 261 9.17 -9.38 8.99
CA LYS B 261 9.03 -9.35 7.53
C LYS B 261 7.61 -8.94 7.12
N ASP B 262 6.62 -9.49 7.80
CA ASP B 262 5.24 -9.16 7.49
C ASP B 262 4.97 -7.67 7.69
N LEU B 263 5.67 -7.07 8.65
CA LEU B 263 5.52 -5.65 8.94
C LEU B 263 6.55 -4.79 8.23
N ASP B 264 7.55 -5.44 7.63
CA ASP B 264 8.65 -4.71 6.98
C ASP B 264 9.16 -3.71 8.01
N VAL B 265 9.59 -4.22 9.15
CA VAL B 265 10.09 -3.40 10.25
C VAL B 265 11.26 -4.10 10.89
N PHE B 266 12.28 -3.34 11.29
CA PHE B 266 13.39 -3.94 12.01
C PHE B 266 13.36 -3.35 13.41
N ILE B 267 14.06 -3.99 14.35
CA ILE B 267 14.11 -3.50 15.71
C ILE B 267 15.55 -3.39 16.21
N SER B 268 15.82 -2.33 16.96
CA SER B 268 17.15 -2.09 17.48
C SER B 268 17.10 -1.87 18.99
N SER B 269 18.19 -2.23 19.66
CA SER B 269 18.33 -2.04 21.10
C SER B 269 19.78 -1.60 21.22
N VAL B 270 20.00 -0.34 21.58
CA VAL B 270 21.36 0.20 21.66
C VAL B 270 21.80 0.63 23.05
N ASP B 271 22.94 0.08 23.49
CA ASP B 271 23.51 0.39 24.79
C ASP B 271 24.67 1.35 24.61
N MET B 272 24.68 2.43 25.38
CA MET B 272 25.76 3.39 25.32
C MET B 272 26.15 3.80 26.73
N LYS B 273 27.44 3.90 27.00
CA LYS B 273 27.87 4.29 28.33
C LYS B 273 28.03 5.80 28.35
N GLU B 274 27.92 6.39 29.53
CA GLU B 274 28.07 7.82 29.68
C GLU B 274 29.33 8.27 28.96
N GLY B 275 29.25 9.41 28.27
CA GLY B 275 30.40 9.92 27.56
C GLY B 275 30.63 9.34 26.18
N ALA B 276 29.79 8.41 25.76
CA ALA B 276 29.94 7.80 24.44
C ALA B 276 29.22 8.58 23.33
N LEU B 277 29.83 8.58 22.15
CA LEU B 277 29.26 9.26 21.00
C LEU B 277 28.93 8.27 19.91
N LEU B 278 27.67 8.25 19.48
CA LEU B 278 27.27 7.37 18.39
C LEU B 278 27.59 8.22 17.16
N LEU B 279 28.58 7.79 16.39
CA LEU B 279 29.03 8.53 15.22
C LEU B 279 27.94 8.90 14.21
N PRO B 280 28.10 10.07 13.56
CA PRO B 280 27.16 10.55 12.55
C PRO B 280 26.92 9.46 11.51
N HIS B 281 25.66 9.26 11.15
CA HIS B 281 25.30 8.24 10.17
C HIS B 281 23.88 8.49 9.72
N TYR B 282 23.41 7.66 8.80
CA TYR B 282 22.04 7.79 8.35
C TYR B 282 21.59 6.43 7.85
N ASN B 283 20.31 6.16 7.99
CA ASN B 283 19.75 4.91 7.52
C ASN B 283 19.30 5.21 6.08
N SER B 284 19.73 4.40 5.14
CA SER B 284 19.40 4.63 3.74
C SER B 284 17.92 4.76 3.41
N LYS B 285 17.09 3.81 3.85
CA LYS B 285 15.66 3.86 3.52
C LYS B 285 14.67 3.69 4.67
N ALA B 286 15.14 3.33 5.86
CA ALA B 286 14.23 3.14 6.99
C ALA B 286 13.95 4.43 7.75
N ILE B 287 12.69 4.61 8.13
CA ILE B 287 12.28 5.77 8.92
C ILE B 287 12.29 5.20 10.33
N VAL B 288 13.13 5.76 11.20
CA VAL B 288 13.25 5.24 12.55
C VAL B 288 12.53 5.97 13.67
N ILE B 289 11.82 5.17 14.47
CA ILE B 289 11.09 5.66 15.63
C ILE B 289 11.86 5.07 16.80
N MET B 290 12.57 5.92 17.54
CA MET B 290 13.34 5.43 18.67
C MET B 290 12.74 5.94 19.97
N VAL B 291 12.86 5.14 21.02
CA VAL B 291 12.34 5.52 22.31
C VAL B 291 13.41 5.27 23.38
N ILE B 292 13.52 6.19 24.33
CA ILE B 292 14.50 6.04 25.40
C ILE B 292 14.00 5.09 26.48
N ASN B 293 14.72 3.99 26.65
CA ASN B 293 14.38 3.00 27.67
C ASN B 293 14.82 3.58 29.02
N GLU B 294 16.12 3.86 29.14
CA GLU B 294 16.69 4.44 30.37
C GLU B 294 17.89 5.33 30.06
N GLY B 295 18.02 6.43 30.80
CA GLY B 295 19.15 7.32 30.59
C GLY B 295 18.83 8.64 29.90
N GLU B 296 19.87 9.41 29.64
CA GLU B 296 19.73 10.71 29.00
C GLU B 296 20.71 10.83 27.85
N ALA B 297 20.35 11.64 26.86
CA ALA B 297 21.21 11.85 25.70
C ALA B 297 20.88 13.14 24.98
N LYS B 298 21.82 13.60 24.15
CA LYS B 298 21.64 14.80 23.35
C LYS B 298 21.66 14.25 21.93
N ILE B 299 20.67 14.64 21.13
CA ILE B 299 20.64 14.14 19.77
C ILE B 299 20.76 15.28 18.76
N GLU B 300 21.47 14.99 17.68
CA GLU B 300 21.65 15.97 16.61
C GLU B 300 21.21 15.32 15.30
N LEU B 301 20.17 15.89 14.71
CA LEU B 301 19.60 15.40 13.45
C LEU B 301 19.81 16.48 12.41
N VAL B 302 20.20 16.08 11.20
CA VAL B 302 20.45 17.04 10.14
C VAL B 302 19.45 16.98 8.99
N GLY B 303 18.75 18.08 8.76
CA GLY B 303 17.81 18.15 7.67
C GLY B 303 18.24 19.25 6.71
N LEU B 304 17.50 19.42 5.62
CA LEU B 304 17.81 20.46 4.64
C LEU B 304 16.73 21.53 4.68
N SER B 305 17.16 22.79 4.57
CA SER B 305 16.21 23.90 4.59
C SER B 305 15.48 24.01 3.26
N ASP B 306 14.50 24.90 3.20
CA ASP B 306 13.71 25.10 1.98
C ASP B 306 14.34 26.18 1.10
N LEU B 317 21.84 26.67 -0.52
CA LEU B 317 21.07 25.74 0.29
C LEU B 317 21.77 25.46 1.62
N GLU B 318 21.21 26.00 2.69
CA GLU B 318 21.78 25.80 4.02
C GLU B 318 21.19 24.55 4.68
N VAL B 319 21.96 24.00 5.60
CA VAL B 319 21.54 22.82 6.32
C VAL B 319 20.61 23.27 7.44
N GLN B 320 19.73 22.37 7.86
CA GLN B 320 18.77 22.64 8.92
C GLN B 320 19.10 21.75 10.12
N ARG B 321 19.36 22.36 11.27
CA ARG B 321 19.72 21.62 12.46
C ARG B 321 18.58 21.35 13.44
N TYR B 322 18.46 20.10 13.85
CA TYR B 322 17.42 19.68 14.80
C TYR B 322 18.10 19.04 16.00
N ARG B 323 17.97 19.66 17.17
CA ARG B 323 18.59 19.13 18.38
C ARG B 323 17.53 18.90 19.45
N ALA B 324 17.86 18.02 20.39
CA ALA B 324 16.95 17.72 21.49
C ALA B 324 17.69 17.00 22.60
N GLU B 325 17.18 17.13 23.82
CA GLU B 325 17.74 16.47 24.98
C GLU B 325 16.73 15.39 25.30
N LEU B 326 17.15 14.12 25.20
CA LEU B 326 16.26 13.00 25.43
C LEU B 326 16.40 12.33 26.80
N SER B 327 15.26 11.92 27.36
CA SER B 327 15.22 11.26 28.65
C SER B 327 14.15 10.16 28.63
N GLU B 328 14.13 9.34 29.68
CA GLU B 328 13.20 8.22 29.78
C GLU B 328 11.82 8.38 29.15
N ASP B 329 11.45 7.42 28.30
CA ASP B 329 10.16 7.41 27.60
C ASP B 329 9.97 8.37 26.43
N ASP B 330 10.93 9.26 26.21
CA ASP B 330 10.83 10.19 25.09
C ASP B 330 10.93 9.41 23.80
N VAL B 331 10.25 9.90 22.76
CA VAL B 331 10.29 9.29 21.45
C VAL B 331 10.91 10.32 20.50
N PHE B 332 11.71 9.85 19.54
CA PHE B 332 12.34 10.74 18.57
C PHE B 332 12.35 10.04 17.23
N VAL B 333 12.03 10.78 16.18
CA VAL B 333 11.97 10.22 14.85
C VAL B 333 13.14 10.64 13.97
N ILE B 334 13.81 9.67 13.38
CA ILE B 334 14.93 9.93 12.50
C ILE B 334 14.46 9.57 11.09
N PRO B 335 14.10 10.58 10.29
CA PRO B 335 13.62 10.34 8.92
C PRO B 335 14.69 9.64 8.11
N ALA B 336 14.27 8.78 7.18
CA ALA B 336 15.21 8.06 6.33
C ALA B 336 16.13 9.06 5.64
N ALA B 337 17.39 8.69 5.48
CA ALA B 337 18.37 9.54 4.80
C ALA B 337 18.88 10.73 5.60
N TYR B 338 18.19 11.10 6.67
CA TYR B 338 18.64 12.22 7.49
C TYR B 338 19.82 11.84 8.39
N PRO B 339 20.93 12.57 8.31
CA PRO B 339 22.10 12.27 9.14
C PRO B 339 21.77 12.52 10.62
N VAL B 340 22.30 11.67 11.49
CA VAL B 340 22.04 11.81 12.91
C VAL B 340 23.22 11.35 13.76
N ALA B 341 23.34 11.96 14.93
CA ALA B 341 24.41 11.63 15.88
C ALA B 341 23.80 11.65 17.28
N ILE B 342 24.26 10.75 18.15
CA ILE B 342 23.74 10.69 19.50
C ILE B 342 24.84 10.69 20.55
N ASN B 343 24.72 11.58 21.52
CA ASN B 343 25.70 11.67 22.58
C ASN B 343 25.07 11.27 23.92
N ALA B 344 25.52 10.17 24.49
CA ALA B 344 24.99 9.69 25.77
C ALA B 344 25.56 10.45 26.96
N THR B 345 24.69 11.16 27.69
CA THR B 345 25.10 11.93 28.85
C THR B 345 24.96 11.13 30.17
N SER B 346 24.63 9.86 30.04
CA SER B 346 24.50 8.94 31.17
C SER B 346 24.44 7.56 30.53
N ASN B 347 24.63 6.49 31.30
CA ASN B 347 24.53 5.19 30.69
C ASN B 347 23.15 5.24 30.03
N LEU B 348 23.04 4.65 28.84
CA LEU B 348 21.80 4.73 28.10
C LEU B 348 21.40 3.50 27.31
N ASN B 349 20.09 3.34 27.17
CA ASN B 349 19.56 2.29 26.34
C ASN B 349 18.31 2.81 25.67
N PHE B 350 18.30 2.74 24.35
CA PHE B 350 17.14 3.17 23.63
C PHE B 350 16.72 2.02 22.71
N PHE B 351 15.45 2.01 22.35
CA PHE B 351 14.92 0.97 21.49
C PHE B 351 14.41 1.68 20.24
N ALA B 352 14.47 1.01 19.10
CA ALA B 352 14.02 1.64 17.87
C ALA B 352 13.23 0.72 16.96
N PHE B 353 12.26 1.31 16.27
CA PHE B 353 11.43 0.60 15.30
C PHE B 353 11.85 1.20 13.97
N GLY B 354 12.22 0.35 13.02
CA GLY B 354 12.61 0.85 11.71
C GLY B 354 11.54 0.51 10.69
N ILE B 355 10.78 1.52 10.25
CA ILE B 355 9.72 1.33 9.26
C ILE B 355 10.37 1.38 7.85
N ASN B 356 9.78 0.67 6.89
CA ASN B 356 10.33 0.59 5.52
C ASN B 356 11.73 -0.01 5.67
N ALA B 357 11.82 -1.02 6.53
CA ALA B 357 13.07 -1.68 6.88
C ALA B 357 13.87 -2.54 5.90
N GLU B 358 13.19 -3.32 5.06
CA GLU B 358 13.87 -4.21 4.15
C GLU B 358 15.13 -3.69 3.47
N ASN B 359 16.24 -4.40 3.69
CA ASN B 359 17.53 -4.08 3.12
C ASN B 359 18.09 -2.71 3.47
N ASN B 360 17.68 -2.15 4.61
CA ASN B 360 18.19 -0.85 5.02
C ASN B 360 19.72 -0.94 5.17
N GLN B 361 20.41 0.14 4.83
CA GLN B 361 21.86 0.19 4.94
C GLN B 361 22.24 1.38 5.80
N ARG B 362 22.82 1.12 6.96
CA ARG B 362 23.22 2.21 7.83
C ARG B 362 24.55 2.72 7.30
N ASN B 363 24.58 3.99 6.94
CA ASN B 363 25.79 4.62 6.41
C ASN B 363 26.44 5.53 7.44
N PHE B 364 27.58 5.12 7.98
CA PHE B 364 28.29 5.95 8.95
C PHE B 364 29.12 6.94 8.17
N LEU B 365 29.34 8.11 8.75
CA LEU B 365 30.07 9.18 8.09
C LEU B 365 31.47 9.46 8.68
N ALA B 366 31.90 8.59 9.59
CA ALA B 366 33.20 8.73 10.24
C ALA B 366 33.61 7.37 10.79
N GLY B 367 34.86 7.26 11.26
CA GLY B 367 35.34 6.01 11.81
C GLY B 367 35.84 5.06 10.75
N GLY B 368 36.33 3.89 11.17
CA GLY B 368 36.86 2.95 10.20
C GLY B 368 36.04 1.73 9.85
N LYS B 369 34.72 1.85 9.90
CA LYS B 369 33.86 0.73 9.57
C LYS B 369 32.47 1.23 9.17
N ASP B 370 31.94 0.70 8.07
CA ASP B 370 30.63 1.09 7.56
C ASP B 370 30.63 2.57 7.20
N ASN B 371 31.81 3.13 6.98
CA ASN B 371 31.94 4.55 6.65
C ASN B 371 31.86 4.76 5.15
N VAL B 372 30.74 5.35 4.70
CA VAL B 372 30.53 5.58 3.27
C VAL B 372 31.56 6.54 2.66
N MET B 373 32.00 7.52 3.44
CA MET B 373 32.99 8.49 2.95
C MET B 373 34.29 7.81 2.53
N SER B 374 34.78 6.89 3.36
CA SER B 374 36.02 6.20 3.06
C SER B 374 35.91 5.33 1.82
N GLU B 375 34.76 5.38 1.15
CA GLU B 375 34.56 4.57 -0.04
C GLU B 375 34.51 5.41 -1.31
N ILE B 376 34.67 6.71 -1.15
CA ILE B 376 34.65 7.66 -2.26
C ILE B 376 36.07 7.85 -2.82
N PRO B 377 36.27 7.50 -4.10
CA PRO B 377 37.60 7.63 -4.73
C PRO B 377 38.22 9.00 -4.46
N THR B 378 39.54 9.05 -4.49
CA THR B 378 40.31 10.27 -4.23
C THR B 378 39.93 11.44 -5.13
N GLU B 379 39.91 11.19 -6.44
CA GLU B 379 39.57 12.23 -7.41
C GLU B 379 38.20 12.84 -7.13
N VAL B 380 37.24 12.01 -6.69
CA VAL B 380 35.91 12.51 -6.39
C VAL B 380 35.99 13.35 -5.11
N LEU B 381 36.73 12.85 -4.12
CA LEU B 381 36.89 13.57 -2.86
C LEU B 381 37.62 14.89 -3.14
N GLU B 382 38.47 14.86 -4.16
CA GLU B 382 39.26 16.03 -4.57
C GLU B 382 38.40 17.22 -4.96
N VAL B 383 37.34 16.97 -5.74
CA VAL B 383 36.46 18.04 -6.17
C VAL B 383 35.28 18.25 -5.25
N SER B 384 34.93 17.22 -4.48
CA SER B 384 33.82 17.31 -3.55
C SER B 384 34.11 18.27 -2.39
N PHE B 385 35.34 18.26 -1.91
CA PHE B 385 35.71 19.14 -0.79
C PHE B 385 36.83 20.11 -1.15
N PRO B 386 36.99 21.19 -0.36
CA PRO B 386 38.01 22.22 -0.57
C PRO B 386 39.43 21.70 -0.71
N ALA B 387 39.85 20.88 0.25
CA ALA B 387 41.21 20.32 0.25
C ALA B 387 41.37 19.26 -0.83
N SER B 388 42.61 18.86 -1.06
CA SER B 388 42.91 17.83 -2.05
C SER B 388 42.42 16.49 -1.57
N GLY B 389 42.22 15.56 -2.51
CA GLY B 389 41.77 14.22 -2.16
C GLY B 389 42.76 13.58 -1.20
N LYS B 390 43.95 14.17 -1.15
CA LYS B 390 45.02 13.71 -0.29
C LYS B 390 44.71 14.07 1.16
N LYS B 391 44.53 15.38 1.41
CA LYS B 391 44.22 15.88 2.73
C LYS B 391 42.89 15.31 3.26
N VAL B 392 41.92 15.16 2.36
CA VAL B 392 40.62 14.64 2.75
C VAL B 392 40.70 13.18 3.20
N GLU B 393 41.31 12.33 2.39
CA GLU B 393 41.43 10.92 2.75
C GLU B 393 42.23 10.77 4.05
N LYS B 394 43.08 11.74 4.34
CA LYS B 394 43.88 11.73 5.56
C LYS B 394 42.98 12.00 6.76
N LEU B 395 42.23 13.08 6.71
CA LEU B 395 41.32 13.46 7.79
C LEU B 395 40.34 12.34 8.09
N ILE B 396 40.02 11.56 7.05
CA ILE B 396 39.08 10.44 7.18
C ILE B 396 39.66 9.29 7.98
N LYS B 397 40.93 8.98 7.77
CA LYS B 397 41.56 7.87 8.47
C LYS B 397 42.05 8.19 9.87
N LYS B 398 41.94 9.45 10.28
CA LYS B 398 42.40 9.85 11.60
C LYS B 398 41.64 9.13 12.72
N GLN B 399 40.33 8.98 12.55
CA GLN B 399 39.50 8.30 13.54
C GLN B 399 39.54 6.79 13.26
N SER B 400 40.21 6.05 14.14
CA SER B 400 40.35 4.61 13.97
C SER B 400 39.28 3.79 14.66
N GLU B 401 38.44 4.46 15.45
CA GLU B 401 37.34 3.80 16.15
C GLU B 401 36.22 3.58 15.15
N SER B 402 35.22 2.81 15.53
CA SER B 402 34.09 2.54 14.65
C SER B 402 32.75 2.59 15.38
N HIS B 403 31.77 3.23 14.77
CA HIS B 403 30.42 3.32 15.32
C HIS B 403 30.28 4.14 16.60
N PHE B 404 30.94 3.69 17.67
CA PHE B 404 30.90 4.37 18.96
C PHE B 404 32.29 4.84 19.36
N VAL B 405 32.43 6.13 19.66
CA VAL B 405 33.71 6.70 20.06
C VAL B 405 33.51 7.58 21.30
N ASP B 406 34.60 8.01 21.92
CA ASP B 406 34.51 8.88 23.09
C ASP B 406 34.08 10.28 22.65
N ALA B 407 33.03 10.79 23.29
CA ALA B 407 32.46 12.09 22.98
C ALA B 407 33.30 13.31 23.33
N GLN B 408 34.37 13.11 24.09
CA GLN B 408 35.23 14.23 24.49
C GLN B 408 36.70 13.81 24.56
N PRO B 409 37.35 13.68 23.39
CA PRO B 409 38.77 13.29 23.31
C PRO B 409 39.71 14.19 24.10
N SER C 13 -29.50 7.69 21.88
CA SER C 13 -28.06 7.88 21.57
C SER C 13 -27.56 6.88 20.53
N ASP C 14 -28.43 5.95 20.15
CA ASP C 14 -28.09 4.93 19.16
C ASP C 14 -28.14 5.48 17.74
N SER C 15 -27.49 4.78 16.81
CA SER C 15 -27.49 5.17 15.41
C SER C 15 -28.30 4.12 14.67
N ARG C 16 -29.51 4.49 14.27
CA ARG C 16 -30.41 3.58 13.59
C ARG C 16 -30.80 4.06 12.20
N GLY C 17 -31.30 3.12 11.40
CA GLY C 17 -31.74 3.42 10.04
C GLY C 17 -30.74 4.17 9.19
N GLU C 18 -31.26 5.15 8.44
CA GLU C 18 -30.43 5.95 7.55
C GLU C 18 -29.43 6.83 8.30
N ASN C 19 -29.50 6.82 9.63
CA ASN C 19 -28.56 7.60 10.43
C ASN C 19 -27.40 6.71 10.86
N ASN C 20 -27.52 5.42 10.56
CA ASN C 20 -26.48 4.45 10.88
C ASN C 20 -25.48 4.54 9.72
N PRO C 21 -24.28 5.07 9.98
CA PRO C 21 -23.25 5.21 8.94
C PRO C 21 -22.75 3.93 8.29
N PHE C 22 -22.98 2.79 8.92
CA PHE C 22 -22.52 1.52 8.36
C PHE C 22 -23.60 0.88 7.49
N TYR C 23 -24.77 1.50 7.44
CA TYR C 23 -25.89 1.02 6.65
C TYR C 23 -25.96 1.73 5.28
N PHE C 24 -25.91 0.95 4.20
CA PHE C 24 -25.99 1.49 2.83
C PHE C 24 -27.22 0.86 2.16
N SER C 25 -28.37 1.48 2.37
CA SER C 25 -29.64 1.00 1.82
C SER C 25 -29.68 1.13 0.30
N SER C 26 -30.39 0.21 -0.36
CA SER C 26 -30.53 0.30 -1.80
C SER C 26 -31.48 1.46 -2.08
N ASP C 27 -32.28 1.80 -1.08
CA ASP C 27 -33.24 2.90 -1.21
C ASP C 27 -32.63 4.31 -1.31
N ARG C 28 -31.50 4.54 -0.64
CA ARG C 28 -30.94 5.88 -0.66
C ARG C 28 -29.42 5.98 -0.72
N ARG C 29 -28.72 4.85 -0.74
CA ARG C 29 -27.27 4.91 -0.74
C ARG C 29 -26.57 4.42 -2.00
N PHE C 30 -27.29 4.41 -3.12
CA PHE C 30 -26.73 3.98 -4.40
C PHE C 30 -26.95 5.10 -5.42
N HIS C 31 -26.11 5.11 -6.44
CA HIS C 31 -26.25 6.07 -7.52
C HIS C 31 -26.44 5.25 -8.79
N THR C 32 -27.46 5.58 -9.57
CA THR C 32 -27.71 4.85 -10.80
C THR C 32 -26.80 5.35 -11.92
N LEU C 33 -25.96 4.45 -12.46
CA LEU C 33 -25.05 4.79 -13.54
C LEU C 33 -25.78 4.59 -14.87
N PHE C 34 -26.71 3.63 -14.90
CA PHE C 34 -27.48 3.35 -16.10
C PHE C 34 -28.72 2.51 -15.80
N THR C 35 -29.81 2.80 -16.51
CA THR C 35 -31.05 2.07 -16.34
C THR C 35 -31.96 2.21 -17.57
N ASN C 36 -32.52 1.09 -18.02
CA ASN C 36 -33.43 1.12 -19.14
C ASN C 36 -34.45 0.00 -18.91
N GLN C 37 -35.20 -0.36 -19.94
CA GLN C 37 -36.21 -1.40 -19.80
C GLN C 37 -35.65 -2.79 -19.51
N TYR C 38 -34.36 -2.99 -19.77
CA TYR C 38 -33.73 -4.30 -19.60
C TYR C 38 -32.90 -4.56 -18.34
N GLY C 39 -32.57 -3.50 -17.59
CA GLY C 39 -31.78 -3.67 -16.38
C GLY C 39 -31.14 -2.37 -15.96
N HIS C 40 -30.27 -2.43 -14.95
CA HIS C 40 -29.60 -1.23 -14.48
C HIS C 40 -28.25 -1.53 -13.85
N LEU C 41 -27.43 -0.49 -13.75
CA LEU C 41 -26.12 -0.55 -13.13
C LEU C 41 -26.12 0.53 -12.06
N ARG C 42 -25.83 0.14 -10.82
CA ARG C 42 -25.79 1.10 -9.73
C ARG C 42 -24.48 1.00 -8.96
N ILE C 43 -23.98 2.15 -8.51
CA ILE C 43 -22.74 2.17 -7.75
C ILE C 43 -23.05 2.71 -6.36
N LEU C 44 -22.52 2.05 -5.33
CA LEU C 44 -22.74 2.42 -3.94
C LEU C 44 -22.00 3.72 -3.62
N HIS C 45 -22.59 4.59 -2.81
CA HIS C 45 -21.92 5.83 -2.44
C HIS C 45 -20.63 5.44 -1.71
N ARG C 46 -19.59 6.27 -1.86
CA ARG C 46 -18.29 5.97 -1.25
C ARG C 46 -18.31 5.70 0.25
N PHE C 47 -17.58 4.67 0.66
CA PHE C 47 -17.50 4.28 2.06
C PHE C 47 -16.96 5.35 2.99
N ASP C 48 -15.84 5.95 2.61
CA ASP C 48 -15.17 6.97 3.42
C ASP C 48 -15.97 8.28 3.53
N GLN C 49 -16.81 8.55 2.54
CA GLN C 49 -17.61 9.78 2.60
C GLN C 49 -18.77 9.61 3.57
N ARG C 50 -19.14 8.37 3.86
CA ARG C 50 -20.23 8.13 4.79
C ARG C 50 -19.69 8.00 6.22
N SER C 51 -18.46 7.53 6.35
CA SER C 51 -17.88 7.38 7.68
C SER C 51 -16.38 7.20 7.69
N LYS C 52 -15.71 7.97 8.54
CA LYS C 52 -14.26 7.89 8.66
C LYS C 52 -13.88 6.59 9.38
N GLN C 53 -14.84 5.98 10.07
CA GLN C 53 -14.57 4.74 10.78
C GLN C 53 -14.17 3.61 9.84
N ILE C 54 -14.50 3.76 8.55
CA ILE C 54 -14.13 2.76 7.55
C ILE C 54 -13.42 3.46 6.41
N GLN C 55 -12.57 4.41 6.80
CA GLN C 55 -11.76 5.19 5.89
C GLN C 55 -10.92 4.28 4.99
N ASN C 56 -10.45 3.16 5.53
CA ASN C 56 -9.62 2.27 4.74
C ASN C 56 -10.34 1.44 3.67
N LEU C 57 -11.60 1.78 3.40
CA LEU C 57 -12.34 1.11 2.34
C LEU C 57 -12.41 2.09 1.18
N GLU C 58 -11.78 3.26 1.35
CA GLU C 58 -11.81 4.29 0.33
C GLU C 58 -11.33 3.87 -1.06
N ASN C 59 -10.56 2.79 -1.13
CA ASN C 59 -10.05 2.30 -2.42
C ASN C 59 -10.94 1.25 -3.05
N TYR C 60 -12.13 1.06 -2.48
CA TYR C 60 -13.07 0.08 -2.98
C TYR C 60 -14.40 0.73 -3.33
N ARG C 61 -15.01 0.27 -4.41
CA ARG C 61 -16.31 0.73 -4.83
C ARG C 61 -17.15 -0.54 -4.98
N VAL C 62 -18.46 -0.42 -4.89
CA VAL C 62 -19.33 -1.56 -5.02
C VAL C 62 -20.40 -1.28 -6.06
N VAL C 63 -20.52 -2.19 -7.02
CA VAL C 63 -21.50 -2.05 -8.09
C VAL C 63 -22.53 -3.18 -8.04
N GLU C 64 -23.79 -2.83 -8.24
CA GLU C 64 -24.85 -3.82 -8.29
C GLU C 64 -25.40 -3.81 -9.71
N PHE C 65 -25.55 -5.00 -10.30
CA PHE C 65 -26.05 -5.13 -11.66
C PHE C 65 -27.26 -6.07 -11.72
N LYS C 66 -28.30 -5.61 -12.39
CA LYS C 66 -29.50 -6.41 -12.57
C LYS C 66 -29.91 -6.31 -14.03
N SER C 67 -30.31 -7.43 -14.61
CA SER C 67 -30.77 -7.41 -16.00
C SER C 67 -31.83 -8.48 -16.17
N LYS C 68 -32.83 -8.19 -16.99
CA LYS C 68 -33.91 -9.12 -17.24
C LYS C 68 -33.49 -10.29 -18.14
N PRO C 69 -34.38 -11.27 -18.35
CA PRO C 69 -34.04 -12.42 -19.19
C PRO C 69 -33.65 -12.16 -20.64
N ASN C 70 -32.72 -12.97 -21.13
CA ASN C 70 -32.22 -12.86 -22.51
C ASN C 70 -31.62 -11.51 -22.84
N THR C 71 -30.87 -10.95 -21.91
CA THR C 71 -30.24 -9.65 -22.10
C THR C 71 -28.74 -9.75 -22.20
N LEU C 72 -28.14 -8.68 -22.69
CA LEU C 72 -26.70 -8.59 -22.86
C LEU C 72 -26.19 -7.21 -22.50
N LEU C 73 -25.14 -7.18 -21.67
CA LEU C 73 -24.50 -5.93 -21.30
C LEU C 73 -23.34 -5.86 -22.30
N LEU C 74 -23.34 -4.83 -23.13
CA LEU C 74 -22.34 -4.66 -24.18
C LEU C 74 -20.87 -4.61 -23.77
N PRO C 75 -19.96 -5.03 -24.68
CA PRO C 75 -18.51 -5.07 -24.48
C PRO C 75 -17.95 -3.75 -23.96
N HIS C 76 -17.16 -3.84 -22.89
CA HIS C 76 -16.59 -2.65 -22.29
C HIS C 76 -15.50 -3.07 -21.31
N HIS C 77 -14.63 -2.13 -20.96
CA HIS C 77 -13.58 -2.41 -19.99
C HIS C 77 -13.49 -1.24 -19.05
N ALA C 78 -12.86 -1.45 -17.89
CA ALA C 78 -12.72 -0.37 -16.91
C ALA C 78 -11.34 -0.34 -16.26
N ASP C 79 -10.94 0.84 -15.78
CA ASP C 79 -9.66 0.97 -15.09
C ASP C 79 -9.91 0.62 -13.63
N ALA C 80 -10.31 -0.63 -13.42
CA ALA C 80 -10.59 -1.13 -12.10
C ALA C 80 -10.65 -2.65 -12.11
N ASP C 81 -10.04 -3.26 -11.11
CA ASP C 81 -10.08 -4.70 -10.98
C ASP C 81 -11.48 -4.96 -10.44
N PHE C 82 -12.11 -6.04 -10.88
CA PHE C 82 -13.45 -6.40 -10.43
C PHE C 82 -13.46 -7.82 -9.87
N LEU C 83 -14.23 -8.02 -8.81
CA LEU C 83 -14.43 -9.36 -8.25
C LEU C 83 -15.93 -9.49 -8.42
N LEU C 84 -16.33 -10.02 -9.56
CA LEU C 84 -17.73 -10.21 -9.91
C LEU C 84 -18.37 -11.43 -9.25
N VAL C 85 -19.55 -11.24 -8.68
CA VAL C 85 -20.26 -12.33 -8.02
C VAL C 85 -21.73 -12.38 -8.43
N VAL C 86 -22.21 -13.58 -8.74
CA VAL C 86 -23.59 -13.78 -9.12
C VAL C 86 -24.40 -14.05 -7.85
N LEU C 87 -25.23 -13.09 -7.47
CA LEU C 87 -26.06 -13.23 -6.28
C LEU C 87 -27.33 -14.03 -6.55
N ASN C 88 -27.92 -13.82 -7.72
CA ASN C 88 -29.15 -14.51 -8.06
C ASN C 88 -29.27 -14.68 -9.57
N GLY C 89 -29.65 -15.87 -10.00
CA GLY C 89 -29.80 -16.13 -11.42
C GLY C 89 -28.60 -16.86 -12.00
N ARG C 90 -28.44 -16.77 -13.31
CA ARG C 90 -27.33 -17.42 -14.01
C ARG C 90 -26.80 -16.43 -15.03
N ALA C 91 -25.58 -16.63 -15.51
CA ALA C 91 -25.02 -15.71 -16.49
C ALA C 91 -23.87 -16.27 -17.30
N ILE C 92 -23.65 -15.64 -18.46
CA ILE C 92 -22.55 -16.02 -19.31
C ILE C 92 -21.58 -14.83 -19.28
N LEU C 93 -20.40 -15.06 -18.73
CA LEU C 93 -19.39 -14.04 -18.64
C LEU C 93 -18.31 -14.32 -19.67
N THR C 94 -18.10 -13.40 -20.59
CA THR C 94 -17.07 -13.61 -21.57
C THR C 94 -16.01 -12.55 -21.45
N LEU C 95 -14.77 -12.98 -21.23
CA LEU C 95 -13.65 -12.08 -21.12
C LEU C 95 -13.01 -12.12 -22.49
N VAL C 96 -12.84 -10.95 -23.10
CA VAL C 96 -12.24 -10.83 -24.42
C VAL C 96 -10.82 -10.29 -24.28
N ASN C 97 -9.85 -11.11 -24.65
CA ASN C 97 -8.43 -10.77 -24.56
C ASN C 97 -7.89 -10.30 -25.90
N PRO C 98 -6.64 -9.85 -25.93
CA PRO C 98 -6.04 -9.38 -27.18
C PRO C 98 -6.00 -10.42 -28.29
N ASP C 99 -5.77 -11.68 -27.94
CA ASP C 99 -5.71 -12.73 -28.95
C ASP C 99 -6.45 -14.01 -28.59
N SER C 100 -7.61 -13.86 -27.95
CA SER C 100 -8.43 -14.99 -27.57
C SER C 100 -9.54 -14.50 -26.66
N ARG C 101 -10.52 -15.36 -26.40
CA ARG C 101 -11.62 -15.01 -25.52
C ARG C 101 -12.03 -16.25 -24.75
N ASP C 102 -12.63 -16.04 -23.59
CA ASP C 102 -13.07 -17.13 -22.73
C ASP C 102 -14.46 -16.87 -22.21
N SER C 103 -15.35 -17.84 -22.43
CA SER C 103 -16.72 -17.73 -21.96
C SER C 103 -16.93 -18.71 -20.83
N TYR C 104 -17.64 -18.27 -19.81
CA TYR C 104 -17.89 -19.10 -18.66
C TYR C 104 -19.33 -18.97 -18.24
N ILE C 105 -19.87 -20.06 -17.70
CA ILE C 105 -21.24 -20.09 -17.21
C ILE C 105 -21.13 -19.94 -15.70
N LEU C 106 -21.76 -18.90 -15.17
CA LEU C 106 -21.73 -18.67 -13.76
C LEU C 106 -23.11 -18.91 -13.17
N GLU C 107 -23.16 -19.83 -12.21
CA GLU C 107 -24.40 -20.17 -11.54
C GLU C 107 -24.46 -19.26 -10.30
N GLN C 108 -25.62 -19.25 -9.65
CA GLN C 108 -25.81 -18.46 -8.44
C GLN C 108 -24.70 -18.85 -7.45
N GLY C 109 -23.95 -17.86 -6.98
CA GLY C 109 -22.88 -18.13 -6.05
C GLY C 109 -21.51 -18.03 -6.69
N HIS C 110 -21.45 -18.16 -8.01
CA HIS C 110 -20.17 -18.09 -8.73
C HIS C 110 -19.49 -16.73 -8.64
N ALA C 111 -18.17 -16.75 -8.54
CA ALA C 111 -17.38 -15.53 -8.46
C ALA C 111 -16.22 -15.63 -9.44
N GLN C 112 -15.77 -14.48 -9.93
CA GLN C 112 -14.67 -14.45 -10.86
C GLN C 112 -13.97 -13.10 -10.84
N LYS C 113 -12.65 -13.11 -10.77
CA LYS C 113 -11.89 -11.86 -10.76
C LYS C 113 -11.65 -11.43 -12.18
N ILE C 114 -11.98 -10.18 -12.48
CA ILE C 114 -11.78 -9.65 -13.81
C ILE C 114 -10.68 -8.60 -13.75
N PRO C 115 -9.47 -8.94 -14.23
CA PRO C 115 -8.36 -7.97 -14.21
C PRO C 115 -8.81 -6.65 -14.80
N ALA C 116 -8.26 -5.56 -14.27
CA ALA C 116 -8.60 -4.23 -14.76
C ALA C 116 -8.24 -4.11 -16.23
N GLY C 117 -9.10 -3.45 -17.00
CA GLY C 117 -8.83 -3.25 -18.41
C GLY C 117 -9.16 -4.44 -19.30
N THR C 118 -9.76 -5.47 -18.74
CA THR C 118 -10.13 -6.64 -19.55
C THR C 118 -11.48 -6.36 -20.19
N THR C 119 -11.53 -6.29 -21.52
CA THR C 119 -12.81 -6.07 -22.19
C THR C 119 -13.70 -7.27 -21.93
N PHE C 120 -14.97 -7.05 -21.59
CA PHE C 120 -15.87 -8.17 -21.36
C PHE C 120 -17.34 -7.83 -21.57
N PHE C 121 -18.16 -8.86 -21.72
CA PHE C 121 -19.58 -8.67 -21.87
C PHE C 121 -20.30 -9.72 -21.03
N LEU C 122 -21.57 -9.48 -20.74
CA LEU C 122 -22.32 -10.35 -19.86
C LEU C 122 -23.71 -10.69 -20.39
N VAL C 123 -24.11 -11.94 -20.24
CA VAL C 123 -25.42 -12.36 -20.72
C VAL C 123 -26.24 -13.06 -19.62
N ASN C 124 -27.55 -12.84 -19.65
CA ASN C 124 -28.46 -13.52 -18.72
C ASN C 124 -29.20 -14.46 -19.66
N PRO C 125 -28.70 -15.69 -19.82
CA PRO C 125 -29.29 -16.69 -20.69
C PRO C 125 -30.65 -17.22 -20.24
N ASP C 126 -31.02 -16.93 -19.00
CA ASP C 126 -32.30 -17.42 -18.49
C ASP C 126 -33.48 -16.81 -19.23
N ASP C 127 -34.49 -17.63 -19.48
CA ASP C 127 -35.67 -17.17 -20.22
C ASP C 127 -36.73 -16.57 -19.31
N ASN C 128 -36.62 -16.77 -18.01
CA ASN C 128 -37.64 -16.23 -17.10
C ASN C 128 -37.14 -15.49 -15.85
N GLU C 129 -35.92 -15.79 -15.43
CA GLU C 129 -35.37 -15.16 -14.23
C GLU C 129 -34.41 -14.01 -14.49
N ASN C 130 -34.43 -13.04 -13.59
CA ASN C 130 -33.56 -11.88 -13.66
C ASN C 130 -32.17 -12.30 -13.21
N LEU C 131 -31.16 -11.55 -13.63
CA LEU C 131 -29.79 -11.81 -13.22
C LEU C 131 -29.37 -10.69 -12.27
N ARG C 132 -28.97 -11.05 -11.06
CA ARG C 132 -28.51 -10.05 -10.10
C ARG C 132 -27.05 -10.32 -9.75
N ILE C 133 -26.21 -9.30 -9.93
CA ILE C 133 -24.78 -9.40 -9.65
C ILE C 133 -24.27 -8.32 -8.70
N ILE C 134 -23.31 -8.70 -7.86
CA ILE C 134 -22.68 -7.77 -6.93
C ILE C 134 -21.21 -7.77 -7.35
N LYS C 135 -20.61 -6.58 -7.47
CA LYS C 135 -19.24 -6.50 -7.92
C LYS C 135 -18.36 -5.56 -7.08
N LEU C 136 -17.24 -6.08 -6.57
CA LEU C 136 -16.31 -5.28 -5.79
C LEU C 136 -15.31 -4.72 -6.78
N ALA C 137 -15.07 -3.41 -6.74
CA ALA C 137 -14.14 -2.79 -7.68
C ALA C 137 -12.98 -2.07 -7.00
N ILE C 138 -11.79 -2.19 -7.58
CA ILE C 138 -10.58 -1.55 -7.06
C ILE C 138 -10.02 -0.66 -8.18
N PRO C 139 -10.33 0.64 -8.14
CA PRO C 139 -9.87 1.60 -9.15
C PRO C 139 -8.35 1.71 -9.32
N VAL C 140 -7.91 1.95 -10.55
CA VAL C 140 -6.49 2.06 -10.87
C VAL C 140 -5.89 3.48 -10.96
N ASN C 141 -6.53 4.36 -11.72
CA ASN C 141 -6.00 5.71 -11.90
C ASN C 141 -6.24 6.66 -10.74
N ASN C 142 -7.46 6.63 -10.22
CA ASN C 142 -7.85 7.46 -9.09
C ASN C 142 -8.33 6.46 -8.04
N PRO C 143 -7.88 6.58 -6.79
CA PRO C 143 -8.30 5.64 -5.76
C PRO C 143 -9.79 5.59 -5.42
N HIS C 144 -10.53 6.64 -5.78
CA HIS C 144 -11.94 6.71 -5.44
C HIS C 144 -12.98 6.40 -6.51
N ARG C 145 -12.57 6.31 -7.77
CA ARG C 145 -13.52 6.00 -8.82
C ARG C 145 -12.84 5.49 -10.08
N PHE C 146 -13.63 4.89 -10.95
CA PHE C 146 -13.11 4.34 -12.19
C PHE C 146 -14.03 4.77 -13.33
N GLN C 147 -13.59 4.53 -14.56
CA GLN C 147 -14.41 4.87 -15.71
C GLN C 147 -14.72 3.61 -16.51
N ASP C 148 -15.95 3.52 -17.01
CA ASP C 148 -16.39 2.40 -17.82
C ASP C 148 -16.27 2.82 -19.28
N PHE C 149 -15.43 2.14 -20.05
CA PHE C 149 -15.28 2.48 -21.47
C PHE C 149 -16.04 1.48 -22.33
N PHE C 150 -17.13 1.90 -22.96
CA PHE C 150 -17.87 0.98 -23.82
C PHE C 150 -17.39 1.08 -25.25
N LEU C 151 -16.98 -0.06 -25.81
CA LEU C 151 -16.48 -0.14 -27.17
C LEU C 151 -17.61 0.01 -28.18
N SER C 152 -18.83 -0.25 -27.71
CA SER C 152 -20.02 -0.16 -28.54
C SER C 152 -20.47 1.26 -28.82
N SER C 153 -21.33 1.41 -29.82
CA SER C 153 -21.89 2.69 -30.19
C SER C 153 -23.41 2.54 -30.07
N THR C 154 -23.99 3.20 -29.07
CA THR C 154 -25.43 3.13 -28.86
C THR C 154 -25.97 4.55 -28.73
N GLU C 155 -27.29 4.69 -28.70
CA GLU C 155 -27.89 6.01 -28.56
C GLU C 155 -27.49 6.60 -27.22
N ALA C 156 -27.19 5.73 -26.25
CA ALA C 156 -26.82 6.20 -24.92
C ALA C 156 -25.34 6.59 -24.82
N GLN C 157 -24.49 6.01 -25.66
CA GLN C 157 -23.06 6.35 -25.58
C GLN C 157 -22.24 6.15 -26.84
N GLN C 158 -21.22 7.01 -27.00
CA GLN C 158 -20.33 6.93 -28.14
C GLN C 158 -19.25 5.90 -27.85
N SER C 159 -18.82 5.20 -28.90
CA SER C 159 -17.76 4.21 -28.76
C SER C 159 -16.51 5.03 -28.49
N TYR C 160 -15.59 4.53 -27.67
CA TYR C 160 -14.38 5.30 -27.41
C TYR C 160 -13.52 5.42 -28.67
N LEU C 161 -13.80 4.59 -29.67
CA LEU C 161 -13.06 4.65 -30.92
C LEU C 161 -13.33 5.98 -31.62
N ARG C 162 -14.44 6.59 -31.25
CA ARG C 162 -14.85 7.87 -31.82
C ARG C 162 -13.95 9.01 -31.37
N GLY C 163 -13.14 8.75 -30.35
CA GLY C 163 -12.24 9.77 -29.83
C GLY C 163 -11.04 10.05 -30.71
N PHE C 164 -10.78 9.18 -31.69
CA PHE C 164 -9.64 9.37 -32.59
C PHE C 164 -10.03 10.18 -33.80
N SER C 165 -9.07 10.93 -34.34
CA SER C 165 -9.31 11.77 -35.51
C SER C 165 -9.63 10.94 -36.75
N LYS C 166 -10.24 11.60 -37.74
CA LYS C 166 -10.61 10.94 -39.00
C LYS C 166 -9.42 10.26 -39.66
N ASN C 167 -8.31 10.99 -39.79
CA ASN C 167 -7.11 10.44 -40.42
C ASN C 167 -6.58 9.21 -39.69
N ILE C 168 -6.55 9.26 -38.37
CA ILE C 168 -6.07 8.13 -37.59
C ILE C 168 -6.96 6.94 -37.86
N LEU C 169 -8.26 7.14 -37.77
CA LEU C 169 -9.21 6.05 -37.98
C LEU C 169 -9.11 5.40 -39.36
N GLU C 170 -9.03 6.23 -40.40
CA GLU C 170 -8.92 5.72 -41.76
C GLU C 170 -7.64 4.93 -41.97
N ALA C 171 -6.54 5.41 -41.39
CA ALA C 171 -5.25 4.72 -41.52
C ALA C 171 -5.20 3.48 -40.63
N SER C 172 -5.93 3.52 -39.51
CA SER C 172 -5.94 2.39 -38.59
C SER C 172 -6.75 1.24 -39.14
N PHE C 173 -7.90 1.56 -39.74
CA PHE C 173 -8.77 0.54 -40.30
C PHE C 173 -8.53 0.33 -41.80
N ASP C 174 -7.61 1.10 -42.38
CA ASP C 174 -7.31 1.01 -43.81
C ASP C 174 -8.62 1.06 -44.59
N SER C 175 -9.42 2.09 -44.33
CA SER C 175 -10.71 2.24 -44.97
C SER C 175 -11.14 3.71 -44.95
N ASP C 176 -12.11 4.06 -45.79
CA ASP C 176 -12.59 5.44 -45.85
C ASP C 176 -13.46 5.70 -44.62
N PHE C 177 -13.47 6.94 -44.15
CA PHE C 177 -14.24 7.29 -42.97
C PHE C 177 -15.75 7.09 -43.12
N LYS C 178 -16.25 7.18 -44.35
CA LYS C 178 -17.68 7.03 -44.57
C LYS C 178 -18.13 5.60 -44.22
N GLU C 179 -17.33 4.60 -44.59
CA GLU C 179 -17.65 3.21 -44.28
C GLU C 179 -17.51 2.99 -42.77
N ILE C 180 -16.44 3.54 -42.20
CA ILE C 180 -16.17 3.42 -40.77
C ILE C 180 -17.31 3.98 -39.94
N ASN C 181 -17.76 5.18 -40.30
CA ASN C 181 -18.86 5.80 -39.56
C ASN C 181 -20.14 4.99 -39.75
N ARG C 182 -20.38 4.55 -40.97
CA ARG C 182 -21.57 3.77 -41.29
C ARG C 182 -21.63 2.48 -40.51
N VAL C 183 -20.51 1.76 -40.48
CA VAL C 183 -20.43 0.48 -39.81
C VAL C 183 -20.27 0.49 -38.28
N LEU C 184 -19.43 1.38 -37.76
CA LEU C 184 -19.17 1.44 -36.32
C LEU C 184 -19.87 2.49 -35.49
N PHE C 185 -20.09 3.67 -36.05
CA PHE C 185 -20.72 4.75 -35.30
C PHE C 185 -22.21 4.96 -35.57
N GLY C 186 -22.60 5.03 -36.84
CA GLY C 186 -24.01 5.23 -37.15
C GLY C 186 -24.42 6.63 -36.72
N GLU C 187 -23.51 7.57 -36.98
CA GLU C 187 -23.70 8.97 -36.63
C GLU C 187 -23.63 9.84 -37.88
N GLU C 188 -24.50 9.56 -38.87
CA GLU C 188 -24.51 10.33 -40.10
C GLU C 188 -24.66 11.82 -39.83
N GLU C 196 -28.54 1.11 -41.47
CA GLU C 196 -28.05 0.47 -40.26
C GLU C 196 -28.24 1.38 -39.05
N SER C 197 -28.92 0.88 -38.03
CA SER C 197 -29.17 1.65 -36.81
C SER C 197 -28.58 0.96 -35.59
N ARG C 198 -28.22 1.74 -34.58
CA ARG C 198 -27.64 1.20 -33.36
C ARG C 198 -28.66 0.97 -32.25
N GLU C 199 -28.29 0.12 -31.30
CA GLU C 199 -29.15 -0.19 -30.17
C GLU C 199 -29.31 1.06 -29.31
N GLU C 200 -30.27 1.03 -28.41
CA GLU C 200 -30.53 2.18 -27.55
C GLU C 200 -29.59 2.35 -26.35
N GLY C 201 -29.27 1.26 -25.66
CA GLY C 201 -28.41 1.36 -24.50
C GLY C 201 -27.35 0.29 -24.41
N VAL C 202 -26.63 0.25 -23.30
CA VAL C 202 -25.56 -0.73 -23.12
C VAL C 202 -26.07 -2.10 -22.67
N ILE C 203 -27.37 -2.17 -22.40
CA ILE C 203 -28.01 -3.42 -22.04
C ILE C 203 -29.10 -3.61 -23.11
N VAL C 204 -28.97 -4.67 -23.91
CA VAL C 204 -29.93 -4.94 -24.97
C VAL C 204 -30.52 -6.33 -24.77
N GLU C 205 -31.58 -6.62 -25.54
CA GLU C 205 -32.21 -7.92 -25.47
C GLU C 205 -31.80 -8.70 -26.71
N LEU C 206 -31.37 -9.93 -26.53
CA LEU C 206 -30.97 -10.77 -27.65
C LEU C 206 -32.08 -11.77 -27.97
N LYS C 207 -32.09 -12.23 -29.21
CA LYS C 207 -33.07 -13.21 -29.66
C LYS C 207 -32.67 -14.54 -29.04
N ARG C 208 -33.66 -15.33 -28.63
CA ARG C 208 -33.40 -16.61 -27.97
C ARG C 208 -32.38 -17.45 -28.72
N GLU C 209 -32.42 -17.39 -30.05
CA GLU C 209 -31.49 -18.16 -30.88
C GLU C 209 -30.05 -17.68 -30.66
N GLN C 210 -29.89 -16.36 -30.53
CA GLN C 210 -28.57 -15.80 -30.31
C GLN C 210 -27.99 -16.27 -28.98
N ILE C 211 -28.83 -16.31 -27.95
CA ILE C 211 -28.41 -16.77 -26.63
C ILE C 211 -27.83 -18.19 -26.75
N GLN C 212 -28.38 -18.95 -27.69
CA GLN C 212 -27.95 -20.34 -27.93
C GLN C 212 -26.51 -20.40 -28.42
N GLU C 213 -26.20 -19.62 -29.44
CA GLU C 213 -24.85 -19.59 -29.99
C GLU C 213 -23.80 -19.27 -28.93
N LEU C 214 -24.07 -18.24 -28.13
CA LEU C 214 -23.15 -17.84 -27.07
C LEU C 214 -23.09 -18.90 -25.98
N MET C 215 -24.22 -19.55 -25.72
CA MET C 215 -24.33 -20.57 -24.69
C MET C 215 -23.49 -21.83 -24.91
N LYS C 216 -23.44 -22.32 -26.14
CA LYS C 216 -22.67 -23.54 -26.41
C LYS C 216 -21.16 -23.37 -26.37
N HIS C 217 -20.70 -22.13 -26.42
CA HIS C 217 -19.26 -21.86 -26.38
C HIS C 217 -18.76 -21.66 -24.95
N ALA C 218 -19.67 -21.32 -24.06
CA ALA C 218 -19.33 -21.10 -22.67
C ALA C 218 -18.92 -22.41 -22.01
N LYS C 219 -18.15 -22.29 -20.91
CA LYS C 219 -17.69 -23.46 -20.18
C LYS C 219 -18.16 -23.42 -18.73
N SER C 220 -18.95 -24.41 -18.33
CA SER C 220 -19.47 -24.48 -16.96
C SER C 220 -18.42 -24.96 -15.97
N SER C 221 -18.29 -24.24 -14.86
CA SER C 221 -17.32 -24.57 -13.82
C SER C 221 -17.71 -25.85 -13.08
N SER C 222 -16.99 -26.94 -13.37
CA SER C 222 -17.26 -28.23 -12.74
C SER C 222 -16.17 -28.59 -11.74
N SER C 227 -9.35 -24.79 -7.92
CA SER C 227 -9.11 -23.35 -7.88
C SER C 227 -8.12 -22.93 -8.96
N SER C 228 -8.63 -22.73 -10.18
CA SER C 228 -7.80 -22.32 -11.31
C SER C 228 -7.45 -20.84 -11.14
N GLN C 229 -6.25 -20.46 -11.57
CA GLN C 229 -5.81 -19.08 -11.46
C GLN C 229 -6.66 -18.13 -12.31
N ASP C 230 -7.48 -18.70 -13.18
CA ASP C 230 -8.33 -17.89 -14.05
C ASP C 230 -9.82 -18.18 -13.87
N GLU C 231 -10.22 -19.39 -14.22
CA GLU C 231 -11.60 -19.82 -14.15
C GLU C 231 -12.39 -19.46 -12.90
N PRO C 232 -13.69 -19.16 -13.07
CA PRO C 232 -14.58 -18.80 -11.96
C PRO C 232 -14.79 -19.94 -10.98
N PHE C 233 -15.04 -19.60 -9.72
CA PHE C 233 -15.24 -20.58 -8.67
C PHE C 233 -16.52 -20.33 -7.88
N ASN C 234 -17.10 -21.40 -7.33
CA ASN C 234 -18.32 -21.26 -6.56
C ASN C 234 -18.12 -21.72 -5.12
N LEU C 235 -18.09 -20.78 -4.18
CA LEU C 235 -17.89 -21.12 -2.78
C LEU C 235 -19.04 -21.98 -2.26
N ARG C 236 -20.18 -21.90 -2.95
CA ARG C 236 -21.37 -22.65 -2.59
C ARG C 236 -21.20 -24.16 -2.65
N ASN C 237 -20.26 -24.64 -3.45
CA ASN C 237 -20.07 -26.08 -3.53
C ASN C 237 -18.77 -26.52 -2.88
N SER C 238 -18.63 -26.11 -1.62
CA SER C 238 -17.49 -26.43 -0.76
C SER C 238 -18.17 -26.77 0.57
N LYS C 239 -17.45 -27.41 1.49
CA LYS C 239 -18.06 -27.76 2.77
C LYS C 239 -18.28 -26.51 3.63
N PRO C 240 -19.51 -26.31 4.14
CA PRO C 240 -19.80 -25.15 4.97
C PRO C 240 -18.93 -25.16 6.21
N ILE C 241 -18.36 -24.02 6.58
CA ILE C 241 -17.53 -23.96 7.77
C ILE C 241 -18.37 -24.03 9.03
N TYR C 242 -19.61 -23.53 8.96
CA TYR C 242 -20.52 -23.59 10.10
C TYR C 242 -21.81 -24.15 9.53
N SER C 243 -22.44 -25.07 10.25
CA SER C 243 -23.70 -25.65 9.77
C SER C 243 -24.51 -26.37 10.83
N ASN C 244 -25.71 -25.89 11.06
CA ASN C 244 -26.62 -26.52 12.00
C ASN C 244 -28.04 -26.34 11.50
N LYS C 245 -28.99 -26.58 12.38
CA LYS C 245 -30.41 -26.49 12.07
C LYS C 245 -30.93 -25.09 11.73
N PHE C 246 -30.24 -24.06 12.24
CA PHE C 246 -30.67 -22.68 12.01
C PHE C 246 -29.94 -21.91 10.90
N GLY C 247 -28.83 -22.45 10.42
CA GLY C 247 -28.09 -21.74 9.38
C GLY C 247 -26.88 -22.47 8.84
N ARG C 248 -26.42 -22.00 7.69
CA ARG C 248 -25.28 -22.58 7.00
C ARG C 248 -24.38 -21.43 6.52
N TRP C 249 -23.06 -21.62 6.61
CA TRP C 249 -22.11 -20.57 6.23
C TRP C 249 -20.99 -21.06 5.32
N TYR C 250 -20.98 -20.60 4.07
CA TYR C 250 -19.92 -20.98 3.13
C TYR C 250 -18.88 -19.87 3.07
N GLU C 251 -17.61 -20.24 2.98
CA GLU C 251 -16.56 -19.23 2.94
C GLU C 251 -15.31 -19.69 2.23
N MET C 252 -14.78 -18.83 1.38
CA MET C 252 -13.54 -19.10 0.66
C MET C 252 -12.58 -17.97 0.99
N THR C 253 -11.36 -18.35 1.36
CA THR C 253 -10.35 -17.38 1.76
C THR C 253 -9.16 -17.36 0.81
N PRO C 254 -8.32 -16.33 0.90
CA PRO C 254 -7.15 -16.23 0.03
C PRO C 254 -6.21 -17.43 0.17
N GLU C 255 -6.32 -18.16 1.27
CA GLU C 255 -5.49 -19.34 1.47
C GLU C 255 -5.99 -20.43 0.52
N LYS C 256 -7.29 -20.40 0.26
CA LYS C 256 -7.96 -21.37 -0.61
C LYS C 256 -7.98 -21.01 -2.09
N ASN C 257 -7.94 -19.72 -2.41
CA ASN C 257 -8.01 -19.31 -3.82
C ASN C 257 -6.99 -18.24 -4.24
N PRO C 258 -6.26 -18.48 -5.35
CA PRO C 258 -5.26 -17.55 -5.86
C PRO C 258 -5.80 -16.18 -6.31
N GLN C 259 -7.03 -16.17 -6.82
CA GLN C 259 -7.63 -14.91 -7.25
C GLN C 259 -7.91 -14.09 -5.99
N LEU C 260 -8.40 -14.80 -4.97
CA LEU C 260 -8.72 -14.19 -3.68
C LEU C 260 -7.45 -13.74 -2.96
N LYS C 261 -6.35 -14.47 -3.15
CA LYS C 261 -5.10 -14.12 -2.50
C LYS C 261 -4.54 -12.84 -3.10
N ASP C 262 -4.70 -12.67 -4.41
CA ASP C 262 -4.21 -11.47 -5.08
C ASP C 262 -4.87 -10.24 -4.51
N LEU C 263 -6.17 -10.33 -4.26
CA LEU C 263 -6.93 -9.21 -3.72
C LEU C 263 -6.94 -9.18 -2.20
N ASP C 264 -6.43 -10.23 -1.56
CA ASP C 264 -6.43 -10.33 -0.09
C ASP C 264 -7.87 -10.10 0.35
N VAL C 265 -8.76 -10.89 -0.25
CA VAL C 265 -10.18 -10.80 0.03
C VAL C 265 -10.79 -12.19 0.23
N PHE C 266 -11.71 -12.32 1.16
CA PHE C 266 -12.39 -13.60 1.32
C PHE C 266 -13.86 -13.35 0.98
N ILE C 267 -14.58 -14.40 0.62
CA ILE C 267 -15.99 -14.26 0.28
C ILE C 267 -16.84 -15.22 1.11
N SER C 268 -18.04 -14.78 1.47
CA SER C 268 -18.94 -15.59 2.27
C SER C 268 -20.34 -15.61 1.70
N SER C 269 -21.04 -16.71 1.96
CA SER C 269 -22.41 -16.90 1.52
C SER C 269 -23.10 -17.60 2.68
N VAL C 270 -24.05 -16.94 3.34
CA VAL C 270 -24.69 -17.60 4.47
C VAL C 270 -26.21 -17.65 4.40
N ASP C 271 -26.73 -18.82 4.76
CA ASP C 271 -28.15 -19.10 4.78
C ASP C 271 -28.64 -19.13 6.20
N MET C 272 -29.81 -18.57 6.43
CA MET C 272 -30.40 -18.56 7.77
C MET C 272 -31.91 -18.71 7.66
N LYS C 273 -32.50 -19.50 8.57
CA LYS C 273 -33.94 -19.71 8.56
C LYS C 273 -34.60 -18.59 9.33
N GLU C 274 -35.88 -18.38 9.08
CA GLU C 274 -36.61 -17.35 9.79
C GLU C 274 -36.46 -17.65 11.29
N GLY C 275 -36.29 -16.61 12.08
CA GLY C 275 -36.14 -16.80 13.52
C GLY C 275 -34.76 -17.26 13.94
N ALA C 276 -33.81 -17.29 13.02
CA ALA C 276 -32.46 -17.71 13.36
C ALA C 276 -31.61 -16.53 13.78
N LEU C 277 -30.72 -16.76 14.74
CA LEU C 277 -29.83 -15.74 15.24
C LEU C 277 -28.39 -16.15 15.03
N LEU C 278 -27.64 -15.29 14.34
CA LEU C 278 -26.22 -15.52 14.13
C LEU C 278 -25.65 -14.83 15.37
N LEU C 279 -25.09 -15.62 16.28
CA LEU C 279 -24.56 -15.12 17.54
C LEU C 279 -23.53 -14.00 17.43
N PRO C 280 -23.41 -13.18 18.49
CA PRO C 280 -22.46 -12.06 18.55
C PRO C 280 -21.06 -12.58 18.24
N HIS C 281 -20.34 -11.86 17.39
CA HIS C 281 -18.99 -12.26 17.03
C HIS C 281 -18.30 -11.08 16.39
N TYR C 282 -17.00 -11.21 16.17
CA TYR C 282 -16.25 -10.15 15.51
C TYR C 282 -15.14 -10.78 14.68
N ASN C 283 -14.86 -10.18 13.52
CA ASN C 283 -13.78 -10.67 12.68
C ASN C 283 -12.53 -9.96 13.18
N SER C 284 -11.48 -10.74 13.46
CA SER C 284 -10.25 -10.16 14.00
C SER C 284 -9.65 -8.99 13.24
N LYS C 285 -9.43 -9.16 11.94
CA LYS C 285 -8.79 -8.13 11.14
C LYS C 285 -9.47 -7.78 9.81
N ALA C 286 -10.50 -8.54 9.44
CA ALA C 286 -11.19 -8.29 8.17
C ALA C 286 -12.30 -7.25 8.25
N ILE C 287 -12.37 -6.40 7.22
CA ILE C 287 -13.42 -5.39 7.14
C ILE C 287 -14.46 -6.00 6.20
N VAL C 288 -15.64 -6.27 6.73
CA VAL C 288 -16.67 -6.91 5.91
C VAL C 288 -17.72 -6.03 5.25
N ILE C 289 -17.90 -6.24 3.95
CA ILE C 289 -18.92 -5.54 3.19
C ILE C 289 -19.92 -6.65 2.88
N MET C 290 -21.12 -6.57 3.44
CA MET C 290 -22.11 -7.60 3.17
C MET C 290 -23.29 -7.03 2.40
N VAL C 291 -23.95 -7.90 1.63
CA VAL C 291 -25.11 -7.51 0.83
C VAL C 291 -26.22 -8.54 1.00
N ILE C 292 -27.46 -8.07 1.07
CA ILE C 292 -28.57 -9.00 1.23
C ILE C 292 -28.99 -9.56 -0.12
N ASN C 293 -28.95 -10.87 -0.25
CA ASN C 293 -29.35 -11.52 -1.50
C ASN C 293 -30.88 -11.57 -1.48
N GLU C 294 -31.44 -12.24 -0.49
CA GLU C 294 -32.90 -12.32 -0.34
C GLU C 294 -33.25 -12.45 1.14
N GLY C 295 -34.37 -11.86 1.53
CA GLY C 295 -34.79 -11.97 2.91
C GLY C 295 -34.74 -10.67 3.69
N GLU C 296 -35.06 -10.78 4.97
CA GLU C 296 -35.08 -9.65 5.87
C GLU C 296 -34.24 -9.97 7.11
N ALA C 297 -33.51 -8.98 7.60
CA ALA C 297 -32.67 -9.19 8.77
C ALA C 297 -32.49 -7.94 9.62
N LYS C 298 -32.32 -8.17 10.93
CA LYS C 298 -32.09 -7.10 11.90
C LYS C 298 -30.63 -7.29 12.29
N ILE C 299 -29.84 -6.23 12.22
CA ILE C 299 -28.44 -6.37 12.59
C ILE C 299 -28.05 -5.42 13.72
N GLU C 300 -27.20 -5.91 14.60
CA GLU C 300 -26.73 -5.09 15.70
C GLU C 300 -25.22 -5.09 15.64
N LEU C 301 -24.65 -3.88 15.63
CA LEU C 301 -23.21 -3.69 15.56
C LEU C 301 -22.82 -2.84 16.76
N VAL C 302 -21.69 -3.19 17.38
CA VAL C 302 -21.23 -2.46 18.55
C VAL C 302 -19.92 -1.73 18.30
N GLY C 303 -19.92 -0.42 18.58
CA GLY C 303 -18.74 0.40 18.42
C GLY C 303 -18.51 1.07 19.77
N LEU C 304 -17.48 1.90 19.87
CA LEU C 304 -17.19 2.58 21.13
C LEU C 304 -17.50 4.07 20.99
N SER C 305 -18.20 4.62 21.98
CA SER C 305 -18.57 6.03 21.94
C SER C 305 -17.36 6.96 21.91
N ASP C 306 -17.61 8.23 21.64
CA ASP C 306 -16.55 9.23 21.57
C ASP C 306 -17.07 10.61 21.97
N GLU C 314 -10.58 11.87 30.22
CA GLU C 314 -10.18 10.94 29.15
C GLU C 314 -11.19 10.98 28.00
N LEU C 317 -15.37 3.80 29.15
CA LEU C 317 -16.35 4.66 28.51
C LEU C 317 -17.66 3.91 28.28
N GLU C 318 -18.36 4.28 27.21
CA GLU C 318 -19.64 3.65 26.88
C GLU C 318 -19.65 3.13 25.45
N VAL C 319 -20.42 2.09 25.21
CA VAL C 319 -20.52 1.51 23.89
C VAL C 319 -21.50 2.29 23.02
N GLN C 320 -21.24 2.30 21.72
CA GLN C 320 -22.10 2.98 20.76
C GLN C 320 -22.83 1.88 19.99
N ARG C 321 -24.16 1.93 19.99
CA ARG C 321 -24.96 0.93 19.30
C ARG C 321 -25.34 1.34 17.89
N TYR C 322 -25.18 0.42 16.95
CA TYR C 322 -25.52 0.68 15.56
C TYR C 322 -26.52 -0.39 15.12
N ARG C 323 -27.76 0.04 14.88
CA ARG C 323 -28.82 -0.88 14.48
C ARG C 323 -29.34 -0.59 13.07
N ALA C 324 -29.87 -1.62 12.43
CA ALA C 324 -30.42 -1.47 11.09
C ALA C 324 -31.19 -2.72 10.66
N GLU C 325 -32.20 -2.51 9.80
CA GLU C 325 -32.97 -3.62 9.25
C GLU C 325 -32.59 -3.69 7.79
N LEU C 326 -32.09 -4.85 7.37
CA LEU C 326 -31.65 -5.04 6.00
C LEU C 326 -32.64 -5.78 5.15
N SER C 327 -32.71 -5.40 3.88
CA SER C 327 -33.59 -6.01 2.91
C SER C 327 -32.78 -6.28 1.65
N GLU C 328 -33.37 -7.00 0.70
CA GLU C 328 -32.72 -7.33 -0.56
C GLU C 328 -31.94 -6.16 -1.18
N ASP C 329 -30.68 -6.40 -1.53
CA ASP C 329 -29.78 -5.42 -2.13
C ASP C 329 -29.13 -4.42 -1.17
N ASP C 330 -29.62 -4.35 0.06
CA ASP C 330 -29.02 -3.44 1.03
C ASP C 330 -27.59 -3.89 1.33
N VAL C 331 -26.70 -2.94 1.55
CA VAL C 331 -25.33 -3.26 1.87
C VAL C 331 -25.05 -2.81 3.31
N PHE C 332 -24.19 -3.54 4.01
CA PHE C 332 -23.84 -3.19 5.40
C PHE C 332 -22.38 -3.49 5.61
N VAL C 333 -21.70 -2.60 6.34
CA VAL C 333 -20.28 -2.77 6.58
C VAL C 333 -19.99 -3.03 8.05
N ILE C 334 -19.26 -4.11 8.31
CA ILE C 334 -18.88 -4.49 9.66
C ILE C 334 -17.38 -4.20 9.77
N PRO C 335 -17.01 -3.12 10.45
CA PRO C 335 -15.59 -2.76 10.60
C PRO C 335 -14.86 -3.88 11.35
N ALA C 336 -13.58 -4.06 11.03
CA ALA C 336 -12.79 -5.09 11.69
C ALA C 336 -12.84 -4.91 13.19
N ALA C 337 -12.94 -6.02 13.92
CA ALA C 337 -12.97 -6.00 15.38
C ALA C 337 -14.27 -5.54 16.04
N TYR C 338 -15.23 -5.02 15.27
CA TYR C 338 -16.50 -4.58 15.85
C TYR C 338 -17.46 -5.75 16.06
N PRO C 339 -17.89 -5.98 17.31
CA PRO C 339 -18.81 -7.09 17.59
C PRO C 339 -20.10 -6.93 16.77
N VAL C 340 -20.63 -8.04 16.27
CA VAL C 340 -21.84 -7.99 15.47
C VAL C 340 -22.72 -9.22 15.64
N ALA C 341 -24.03 -9.02 15.46
CA ALA C 341 -25.02 -10.10 15.57
C ALA C 341 -26.12 -9.87 14.53
N ILE C 342 -26.60 -10.94 13.92
CA ILE C 342 -27.64 -10.84 12.90
C ILE C 342 -28.85 -11.74 13.19
N ASN C 343 -30.03 -11.13 13.25
CA ASN C 343 -31.26 -11.87 13.51
C ASN C 343 -32.08 -11.92 12.23
N ALA C 344 -32.25 -13.13 11.68
CA ALA C 344 -33.01 -13.31 10.45
C ALA C 344 -34.50 -13.31 10.75
N THR C 345 -35.21 -12.32 10.22
CA THR C 345 -36.65 -12.23 10.45
C THR C 345 -37.44 -13.00 9.39
N SER C 346 -36.74 -13.50 8.39
CA SER C 346 -37.35 -14.28 7.31
C SER C 346 -36.25 -15.21 6.82
N ASN C 347 -36.57 -16.17 5.96
CA ASN C 347 -35.52 -17.04 5.44
C ASN C 347 -34.57 -16.04 4.81
N LEU C 348 -33.28 -16.30 4.90
CA LEU C 348 -32.32 -15.34 4.39
C LEU C 348 -31.01 -15.88 3.88
N ASN C 349 -30.45 -15.14 2.94
CA ASN C 349 -29.13 -15.44 2.41
C ASN C 349 -28.46 -14.11 2.12
N PHE C 350 -27.24 -13.96 2.61
CA PHE C 350 -26.50 -12.74 2.34
C PHE C 350 -25.11 -13.13 1.87
N PHE C 351 -24.48 -12.23 1.13
CA PHE C 351 -23.14 -12.45 0.61
C PHE C 351 -22.22 -11.42 1.25
N ALA C 352 -20.94 -11.75 1.35
CA ALA C 352 -20.02 -10.82 1.96
C ALA C 352 -18.61 -10.88 1.39
N PHE C 353 -18.00 -9.70 1.30
CA PHE C 353 -16.61 -9.57 0.84
C PHE C 353 -15.82 -9.20 2.09
N GLY C 354 -14.74 -9.92 2.34
CA GLY C 354 -13.91 -9.63 3.48
C GLY C 354 -12.63 -8.97 3.00
N ILE C 355 -12.45 -7.69 3.32
CA ILE C 355 -11.26 -6.94 2.91
C ILE C 355 -10.22 -7.14 4.02
N ASN C 356 -8.93 -7.12 3.67
CA ASN C 356 -7.85 -7.34 4.63
C ASN C 356 -8.10 -8.74 5.20
N ALA C 357 -8.44 -9.67 4.31
CA ALA C 357 -8.79 -11.05 4.63
C ALA C 357 -7.80 -12.03 5.24
N GLU C 358 -6.56 -12.02 4.75
CA GLU C 358 -5.56 -12.98 5.21
C GLU C 358 -5.51 -13.29 6.70
N ASN C 359 -5.66 -14.57 7.02
CA ASN C 359 -5.63 -15.06 8.39
C ASN C 359 -6.64 -14.42 9.33
N ASN C 360 -7.80 -14.05 8.80
CA ASN C 360 -8.82 -13.47 9.67
C ASN C 360 -9.33 -14.57 10.60
N GLN C 361 -9.66 -14.21 11.82
CA GLN C 361 -10.16 -15.18 12.80
C GLN C 361 -11.52 -14.68 13.25
N ARG C 362 -12.55 -15.51 13.11
CA ARG C 362 -13.87 -15.07 13.53
C ARG C 362 -14.06 -15.46 14.99
N ASN C 363 -14.13 -14.46 15.85
CA ASN C 363 -14.29 -14.67 17.28
C ASN C 363 -15.74 -14.59 17.70
N PHE C 364 -16.32 -15.71 18.10
CA PHE C 364 -17.70 -15.70 18.57
C PHE C 364 -17.66 -15.36 20.06
N LEU C 365 -18.73 -14.75 20.57
CA LEU C 365 -18.75 -14.35 21.97
C LEU C 365 -19.79 -15.10 22.80
N ALA C 366 -20.27 -16.20 22.24
CA ALA C 366 -21.25 -17.05 22.91
C ALA C 366 -21.34 -18.35 22.14
N GLY C 367 -21.91 -19.37 22.76
CA GLY C 367 -22.04 -20.66 22.10
C GLY C 367 -20.91 -21.57 22.52
N GLY C 368 -20.93 -22.80 22.03
CA GLY C 368 -19.90 -23.75 22.41
C GLY C 368 -18.88 -24.10 21.36
N LYS C 369 -18.56 -23.17 20.48
CA LYS C 369 -17.57 -23.41 19.43
C LYS C 369 -17.06 -22.07 18.90
N ASP C 370 -15.74 -21.92 18.83
CA ASP C 370 -15.10 -20.69 18.37
C ASP C 370 -15.43 -19.51 19.31
N ASN C 371 -15.83 -19.83 20.54
CA ASN C 371 -16.18 -18.80 21.52
C ASN C 371 -14.96 -18.33 22.29
N VAL C 372 -14.49 -17.11 22.00
CA VAL C 372 -13.32 -16.59 22.67
C VAL C 372 -13.53 -16.41 24.19
N MET C 373 -14.74 -16.08 24.61
CA MET C 373 -15.01 -15.92 26.04
C MET C 373 -14.73 -17.20 26.80
N SER C 374 -15.02 -18.35 26.19
CA SER C 374 -14.79 -19.63 26.84
C SER C 374 -13.31 -20.00 26.87
N GLU C 375 -12.49 -19.19 26.22
CA GLU C 375 -11.05 -19.44 26.20
C GLU C 375 -10.30 -18.67 27.26
N ILE C 376 -11.01 -17.83 28.01
CA ILE C 376 -10.40 -17.03 29.07
C ILE C 376 -10.34 -17.79 30.39
N PRO C 377 -9.17 -17.81 31.03
CA PRO C 377 -8.96 -18.51 32.31
C PRO C 377 -9.89 -18.02 33.40
N THR C 378 -10.24 -18.93 34.31
CA THR C 378 -11.13 -18.63 35.42
C THR C 378 -10.69 -17.41 36.22
N GLU C 379 -9.40 -17.35 36.54
CA GLU C 379 -8.84 -16.24 37.31
C GLU C 379 -9.05 -14.90 36.62
N VAL C 380 -8.97 -14.89 35.28
CA VAL C 380 -9.15 -13.65 34.54
C VAL C 380 -10.64 -13.29 34.49
N LEU C 381 -11.49 -14.30 34.34
CA LEU C 381 -12.93 -14.05 34.32
C LEU C 381 -13.36 -13.50 35.68
N GLU C 382 -12.73 -13.99 36.74
CA GLU C 382 -13.04 -13.56 38.11
C GLU C 382 -12.97 -12.04 38.26
N VAL C 383 -11.95 -11.43 37.68
CA VAL C 383 -11.78 -9.99 37.77
C VAL C 383 -12.35 -9.21 36.59
N SER C 384 -12.56 -9.89 35.46
CA SER C 384 -13.11 -9.23 34.28
C SER C 384 -14.59 -8.89 34.43
N PHE C 385 -15.30 -9.64 35.26
CA PHE C 385 -16.72 -9.42 35.47
C PHE C 385 -17.11 -9.33 36.94
N PRO C 386 -18.30 -8.79 37.24
CA PRO C 386 -18.77 -8.66 38.62
C PRO C 386 -18.84 -9.96 39.39
N ALA C 387 -19.56 -10.93 38.85
CA ALA C 387 -19.72 -12.23 39.50
C ALA C 387 -18.39 -12.96 39.58
N SER C 388 -18.40 -14.10 40.27
CA SER C 388 -17.19 -14.90 40.43
C SER C 388 -16.79 -15.56 39.11
N GLY C 389 -15.55 -16.03 39.05
CA GLY C 389 -15.07 -16.69 37.85
C GLY C 389 -15.87 -17.92 37.50
N LYS C 390 -16.07 -18.80 38.47
CA LYS C 390 -16.85 -20.01 38.22
C LYS C 390 -18.29 -19.70 37.87
N LYS C 391 -18.81 -18.61 38.41
CA LYS C 391 -20.17 -18.19 38.13
C LYS C 391 -20.27 -17.69 36.68
N VAL C 392 -19.16 -17.18 36.14
CA VAL C 392 -19.12 -16.69 34.77
C VAL C 392 -18.99 -17.85 33.79
N GLU C 393 -18.12 -18.81 34.11
CA GLU C 393 -17.94 -19.97 33.26
C GLU C 393 -19.25 -20.75 33.16
N LYS C 394 -20.00 -20.77 34.25
CA LYS C 394 -21.27 -21.48 34.30
C LYS C 394 -22.23 -20.87 33.28
N LEU C 395 -22.30 -19.55 33.28
CA LEU C 395 -23.18 -18.82 32.36
C LEU C 395 -22.72 -19.05 30.93
N ILE C 396 -21.41 -19.14 30.72
CA ILE C 396 -20.85 -19.34 29.39
C ILE C 396 -21.20 -20.70 28.77
N LYS C 397 -21.27 -21.73 29.60
CA LYS C 397 -21.59 -23.07 29.10
C LYS C 397 -23.09 -23.29 28.93
N LYS C 398 -23.90 -22.36 29.43
CA LYS C 398 -25.35 -22.45 29.33
C LYS C 398 -25.78 -22.76 27.89
N GLN C 399 -25.35 -21.92 26.96
CA GLN C 399 -25.67 -22.09 25.54
C GLN C 399 -24.82 -23.23 24.97
N SER C 400 -25.47 -24.34 24.64
CA SER C 400 -24.79 -25.52 24.11
C SER C 400 -24.63 -25.52 22.59
N GLU C 401 -25.45 -24.76 21.89
CA GLU C 401 -25.34 -24.72 20.43
C GLU C 401 -24.26 -23.73 19.97
N SER C 402 -23.89 -23.84 18.70
CA SER C 402 -22.83 -22.99 18.17
C SER C 402 -23.16 -22.21 16.88
N HIS C 403 -22.59 -21.00 16.79
CA HIS C 403 -22.74 -20.13 15.64
C HIS C 403 -24.16 -19.61 15.39
N PHE C 404 -25.07 -20.50 15.02
CA PHE C 404 -26.47 -20.11 14.78
C PHE C 404 -27.36 -20.74 15.85
N VAL C 405 -28.29 -19.97 16.40
CA VAL C 405 -29.20 -20.48 17.44
C VAL C 405 -30.61 -19.95 17.18
N ASP C 406 -31.57 -20.41 17.97
CA ASP C 406 -32.94 -19.94 17.82
C ASP C 406 -33.02 -18.53 18.38
N ALA C 407 -33.45 -17.58 17.55
CA ALA C 407 -33.56 -16.19 17.98
C ALA C 407 -34.45 -15.99 19.21
N GLN C 408 -35.37 -16.91 19.45
CA GLN C 408 -36.26 -16.79 20.59
C GLN C 408 -35.61 -17.13 21.95
N PRO C 409 -35.58 -18.42 22.36
CA PRO C 409 -36.07 -19.69 21.81
C PRO C 409 -37.40 -20.10 22.45
CA CA D . -25.89 -3.82 -35.75
C1 CIT E . 2.12 17.26 1.26
O1 CIT E . 3.27 16.91 0.87
O2 CIT E . 1.78 17.03 2.55
C2 CIT E . 1.18 17.92 0.26
C3 CIT E . -0.23 18.30 0.84
O7 CIT E . -0.07 19.25 1.90
C4 CIT E . -1.16 19.00 -0.23
C5 CIT E . -1.20 18.15 -1.57
O3 CIT E . -1.55 16.98 -1.74
O4 CIT E . -0.80 18.92 -2.54
C6 CIT E . -1.20 17.26 1.54
O5 CIT E . -2.08 17.43 2.40
O6 CIT E . -0.88 16.15 1.01
C ACY F . 2.02 3.07 -24.82
O ACY F . 1.29 3.75 -25.60
OXT ACY F . 1.60 1.88 -24.40
CH3 ACY F . 3.34 3.64 -24.36
CA CA G . 39.49 20.29 -3.26
C1 CIT H . -9.00 11.34 9.52
O1 CIT H . -8.85 10.41 10.37
O2 CIT H . -10.05 11.28 8.67
C2 CIT H . -8.00 12.48 9.50
C3 CIT H . -8.25 13.58 8.42
O7 CIT H . -9.53 14.20 8.68
C4 CIT H . -7.19 14.74 8.47
C5 CIT H . -5.72 14.18 8.36
O3 CIT H . -5.14 13.73 7.36
O4 CIT H . -5.17 14.27 9.53
C6 CIT H . -8.40 13.27 6.87
O5 CIT H . -9.02 13.91 5.99
O6 CIT H . -7.74 12.20 6.71
C ACY I . 19.48 4.94 14.59
O ACY I . 19.90 4.78 13.39
OXT ACY I . 19.99 5.93 15.34
CH3 ACY I . 18.40 4.04 15.13
CA CA J . -15.86 -10.93 39.90
C1 CIT K . -10.18 12.75 -5.55
O1 CIT K . -10.63 11.94 -6.42
O2 CIT K . -8.92 13.20 -5.68
C2 CIT K . -11.08 13.16 -4.40
C3 CIT K . -10.43 14.14 -3.38
O7 CIT K . -10.09 15.37 -4.06
C4 CIT K . -11.41 14.57 -2.19
C5 CIT K . -12.49 13.47 -1.91
O3 CIT K . -13.67 13.43 -2.32
O4 CIT K . -11.98 12.57 -1.13
C6 CIT K . -9.05 13.83 -2.65
O5 CIT K . -8.01 14.50 -2.59
O6 CIT K . -9.25 12.68 -2.13
C ACY L . -19.82 -11.56 9.12
O ACY L . -20.57 -11.51 10.15
OXT ACY L . -18.53 -11.88 9.24
CH3 ACY L . -20.40 -11.24 7.77
#